data_4OV6
#
_entry.id   4OV6
#
_cell.length_a   75.200
_cell.length_b   118.600
_cell.length_c   168.700
_cell.angle_alpha   90.000
_cell.angle_beta   90.000
_cell.angle_gamma   90.000
#
_symmetry.space_group_name_H-M   'P 21 21 21'
#
loop_
_entity.id
_entity.type
_entity.pdbx_description
1 polymer 'Proprotein convertase subtilisin/kexin type 9'
2 polymer 'Proprotein convertase subtilisin/kexin type 9'
3 polymer Adnectin
4 non-polymer 1,2-ETHANEDIOL
5 non-polymer 'TETRAETHYLENE GLYCOL'
6 water water
#
loop_
_entity_poly.entity_id
_entity_poly.type
_entity_poly.pdbx_seq_one_letter_code
_entity_poly.pdbx_strand_id
1 'polypeptide(L)'
;TTATFHRCAKDPWRLPGTYVVVLKEETHLSQSERTARRLQAQAARRGYLTKILHVFHGLLPGFLVKMSGDLLELALKLPH
VDYIEEDSSVFAQ
;
A,D
2 'polypeptide(L)'
;SIPWNLERITPPRYRADEYQPPDGGSLVEVYLLDTSIQSDHREIEGRVMVTDFENVPEEDGTRFHRQASKCDSHGTHLAG
VVSGRDAGVAKGASMRSLRVLNCQGKGTVSGTLIGLEFIRKSQLVQPVGPLVVLLPLAGGYSRVLNAACQRLARAGVVLV
TAAGNFRDDACLYSPASAPEVITVGATNAQDQPVTLGTLGTNFGRCVDLFAPGEDIIGASSDCSTCFVSQSGTSQAAAHV
AGIAAMMLSAEPELTLAELRQRLIHFSAKDVINEAWFPEDQRVLTPNLVAALPP
;
B,E
3 'polypeptide(L)'
;GVSDVPRDLEVVAATPTSLLISWPPPSHGYGYYRITYGETGGNSPVQEFTVPPGKGTATISGLKPGVDYTITVYAVEYPY
KHSGYYHRPISINYRTEID
;
F,G
#
loop_
_chem_comp.id
_chem_comp.type
_chem_comp.name
_chem_comp.formula
EDO non-polymer 1,2-ETHANEDIOL 'C2 H6 O2'
PG4 non-polymer 'TETRAETHYLENE GLYCOL' 'C8 H18 O5'
#
# COMPACT_ATOMS: atom_id res chain seq x y z
N THR A 2 14.93 20.44 -22.02
CA THR A 2 14.08 19.24 -22.18
C THR A 2 14.58 18.08 -21.28
N ALA A 3 13.61 17.38 -20.66
CA ALA A 3 13.79 16.26 -19.76
C ALA A 3 14.29 15.00 -20.47
N THR A 4 15.00 14.15 -19.70
CA THR A 4 15.58 12.89 -20.19
C THR A 4 14.91 11.65 -19.58
N PHE A 5 14.92 10.55 -20.33
CA PHE A 5 14.40 9.28 -19.85
C PHE A 5 15.58 8.39 -19.43
N HIS A 6 15.46 7.75 -18.26
CA HIS A 6 16.50 6.85 -17.72
C HIS A 6 15.92 5.50 -17.34
N ARG A 7 16.69 4.44 -17.57
CA ARG A 7 16.35 3.06 -17.24
C ARG A 7 17.61 2.24 -16.84
N CYS A 8 17.41 1.04 -16.28
CA CYS A 8 18.48 0.16 -15.83
C CYS A 8 19.20 -0.38 -17.04
N ALA A 9 20.55 -0.32 -16.99
CA ALA A 9 21.41 -0.87 -18.05
C ALA A 9 21.28 -2.41 -18.11
N LYS A 10 21.16 -3.08 -16.93
CA LYS A 10 20.97 -4.54 -16.85
C LYS A 10 19.48 -4.83 -17.11
N ASP A 11 19.20 -5.27 -18.34
CA ASP A 11 17.85 -5.54 -18.85
C ASP A 11 16.99 -6.45 -17.98
N PRO A 12 17.45 -7.59 -17.40
CA PRO A 12 16.52 -8.41 -16.59
C PRO A 12 16.01 -7.72 -15.32
N TRP A 13 16.69 -6.65 -14.86
CA TRP A 13 16.30 -5.91 -13.65
C TRP A 13 15.29 -4.80 -13.88
N ARG A 14 15.01 -4.49 -15.13
CA ARG A 14 14.06 -3.45 -15.52
C ARG A 14 12.62 -3.82 -15.13
N LEU A 15 11.83 -2.81 -14.71
CA LEU A 15 10.42 -2.99 -14.36
C LEU A 15 9.59 -2.00 -15.19
N PRO A 16 9.39 -2.26 -16.51
CA PRO A 16 8.61 -1.33 -17.34
C PRO A 16 7.18 -1.22 -16.85
N GLY A 17 6.58 -0.05 -16.97
CA GLY A 17 5.21 0.16 -16.50
C GLY A 17 5.06 1.00 -15.25
N THR A 18 6.18 1.26 -14.53
CA THR A 18 6.24 2.10 -13.32
C THR A 18 7.39 3.07 -13.52
N TYR A 19 7.13 4.37 -13.33
CA TYR A 19 8.09 5.43 -13.57
C TYR A 19 8.15 6.42 -12.42
N VAL A 20 9.35 6.89 -12.09
CA VAL A 20 9.52 7.94 -11.10
C VAL A 20 9.67 9.21 -11.93
N VAL A 21 8.68 10.11 -11.87
CA VAL A 21 8.72 11.38 -12.58
C VAL A 21 9.35 12.38 -11.59
N VAL A 22 10.58 12.82 -11.89
CA VAL A 22 11.32 13.74 -11.00
C VAL A 22 11.21 15.15 -11.55
N LEU A 23 10.82 16.08 -10.71
CA LEU A 23 10.68 17.49 -11.06
C LEU A 23 11.87 18.33 -10.59
N LYS A 24 12.09 19.48 -11.23
CA LYS A 24 13.17 20.44 -10.91
C LYS A 24 13.03 20.92 -9.44
N GLU A 25 14.15 21.05 -8.70
CA GLU A 25 14.07 21.41 -7.27
C GLU A 25 13.39 22.77 -7.00
N GLU A 26 13.66 23.78 -7.87
CA GLU A 26 13.06 25.12 -7.75
C GLU A 26 11.64 25.12 -8.34
N THR A 27 10.69 24.55 -7.57
CA THR A 27 9.26 24.43 -7.86
C THR A 27 8.48 24.55 -6.54
N HIS A 28 7.15 24.77 -6.61
CA HIS A 28 6.31 24.81 -5.41
C HIS A 28 6.01 23.36 -4.96
N LEU A 29 5.68 23.14 -3.67
CA LEU A 29 5.37 21.82 -3.09
C LEU A 29 4.17 21.16 -3.78
N SER A 30 3.14 21.99 -4.10
CA SER A 30 1.89 21.65 -4.77
C SER A 30 2.07 21.36 -6.29
N GLN A 31 3.27 21.64 -6.85
CA GLN A 31 3.56 21.42 -8.25
C GLN A 31 3.66 19.93 -8.63
N SER A 32 4.07 19.07 -7.67
CA SER A 32 4.20 17.63 -7.88
C SER A 32 2.83 17.04 -8.17
N GLU A 33 1.83 17.38 -7.32
CA GLU A 33 0.42 16.96 -7.45
C GLU A 33 -0.24 17.49 -8.74
N ARG A 34 0.06 18.75 -9.13
CA ARG A 34 -0.48 19.45 -10.31
C ARG A 34 -0.07 18.76 -11.60
N THR A 35 1.20 18.35 -11.69
CA THR A 35 1.82 17.67 -12.84
C THR A 35 1.32 16.22 -12.94
N ALA A 36 1.07 15.59 -11.80
CA ALA A 36 0.56 14.23 -11.71
C ALA A 36 -0.86 14.23 -12.25
N ARG A 37 -1.65 15.22 -11.82
CA ARG A 37 -3.03 15.39 -12.22
C ARG A 37 -3.11 15.70 -13.74
N ARG A 38 -2.23 16.59 -14.24
CA ARG A 38 -2.07 16.97 -15.64
C ARG A 38 -1.70 15.76 -16.52
N LEU A 39 -0.69 14.96 -16.07
CA LEU A 39 -0.31 13.75 -16.80
C LEU A 39 -1.52 12.80 -16.93
N GLN A 40 -2.30 12.66 -15.84
CA GLN A 40 -3.47 11.77 -15.81
C GLN A 40 -4.56 12.19 -16.78
N ALA A 41 -4.89 13.50 -16.81
CA ALA A 41 -5.90 14.12 -17.70
C ALA A 41 -5.52 13.90 -19.17
N GLN A 42 -4.27 14.30 -19.54
CA GLN A 42 -3.70 14.16 -20.89
C GLN A 42 -3.72 12.70 -21.36
N ALA A 43 -3.31 11.75 -20.51
CA ALA A 43 -3.32 10.32 -20.82
C ALA A 43 -4.75 9.79 -21.06
N ALA A 44 -5.72 10.22 -20.20
CA ALA A 44 -7.14 9.82 -20.28
C ALA A 44 -7.75 10.29 -21.61
N ARG A 45 -7.44 11.54 -22.05
CA ARG A 45 -7.87 12.07 -23.34
C ARG A 45 -7.46 11.13 -24.49
N ARG A 46 -6.27 10.50 -24.38
CA ARG A 46 -5.73 9.55 -25.38
C ARG A 46 -6.19 8.11 -25.13
N GLY A 47 -7.10 7.91 -24.17
CA GLY A 47 -7.65 6.60 -23.85
C GLY A 47 -6.79 5.72 -22.97
N TYR A 48 -5.81 6.33 -22.25
CA TYR A 48 -4.89 5.60 -21.36
C TYR A 48 -5.22 5.77 -19.89
N LEU A 49 -5.35 4.66 -19.15
CA LEU A 49 -5.58 4.71 -17.69
C LEU A 49 -4.22 4.81 -16.96
N THR A 50 -4.17 5.60 -15.89
CA THR A 50 -2.96 5.80 -15.09
C THR A 50 -3.28 5.72 -13.59
N LYS A 51 -2.29 5.35 -12.77
CA LYS A 51 -2.45 5.31 -11.32
C LYS A 51 -1.29 6.05 -10.73
N ILE A 52 -1.55 6.91 -9.76
CA ILE A 52 -0.51 7.65 -9.04
C ILE A 52 -0.31 6.88 -7.76
N LEU A 53 0.85 6.21 -7.63
CA LEU A 53 1.15 5.37 -6.48
C LEU A 53 1.66 6.16 -5.28
N HIS A 54 2.41 7.26 -5.53
CA HIS A 54 3.01 8.05 -4.48
C HIS A 54 3.38 9.42 -4.97
N VAL A 55 3.29 10.44 -4.07
CA VAL A 55 3.72 11.81 -4.37
C VAL A 55 4.88 12.12 -3.45
N PHE A 56 6.03 12.45 -4.04
CA PHE A 56 7.24 12.75 -3.30
C PHE A 56 7.29 14.21 -2.83
N HIS A 57 7.61 14.36 -1.53
CA HIS A 57 7.78 15.59 -0.75
C HIS A 57 9.04 15.47 0.13
N GLY A 58 9.78 16.57 0.26
CA GLY A 58 10.91 16.67 1.17
C GLY A 58 12.21 16.02 0.79
N LEU A 59 12.15 14.84 0.14
CA LEU A 59 13.33 14.13 -0.31
C LEU A 59 13.71 14.77 -1.65
N LEU A 60 12.91 14.49 -2.69
CA LEU A 60 13.01 15.07 -4.01
C LEU A 60 11.60 15.34 -4.51
N PRO A 61 11.37 16.36 -5.35
CA PRO A 61 9.99 16.63 -5.79
C PRO A 61 9.62 15.77 -7.01
N GLY A 62 8.48 15.14 -6.93
CA GLY A 62 8.01 14.29 -8.03
C GLY A 62 6.92 13.34 -7.61
N PHE A 63 6.75 12.28 -8.39
CA PHE A 63 5.70 11.28 -8.15
C PHE A 63 6.01 9.94 -8.79
N LEU A 64 5.30 8.90 -8.37
CA LEU A 64 5.43 7.53 -8.87
C LEU A 64 4.13 7.20 -9.59
N VAL A 65 4.22 6.85 -10.88
CA VAL A 65 3.09 6.58 -11.76
C VAL A 65 3.17 5.18 -12.39
N LYS A 66 2.01 4.49 -12.43
CA LYS A 66 1.83 3.23 -13.12
C LYS A 66 1.08 3.62 -14.38
N MET A 67 1.77 3.52 -15.51
CA MET A 67 1.23 3.90 -16.83
C MET A 67 1.95 3.10 -17.91
N SER A 68 1.41 3.15 -19.15
CA SER A 68 2.02 2.49 -20.31
C SER A 68 3.23 3.33 -20.76
N GLY A 69 4.30 2.64 -21.19
CA GLY A 69 5.52 3.24 -21.74
C GLY A 69 5.24 4.10 -22.97
N ASP A 70 4.10 3.84 -23.67
CA ASP A 70 3.66 4.63 -24.83
C ASP A 70 3.47 6.13 -24.46
N LEU A 71 3.24 6.44 -23.16
CA LEU A 71 3.02 7.80 -22.67
C LEU A 71 4.27 8.57 -22.25
N LEU A 72 5.48 7.99 -22.42
CA LEU A 72 6.74 8.62 -21.98
C LEU A 72 7.09 9.88 -22.75
N GLU A 73 6.77 9.89 -24.04
CA GLU A 73 7.01 11.01 -24.96
C GLU A 73 6.18 12.20 -24.47
N LEU A 74 4.89 11.93 -24.12
CA LEU A 74 3.90 12.85 -23.58
C LEU A 74 4.42 13.38 -22.24
N ALA A 75 4.76 12.47 -21.32
CA ALA A 75 5.24 12.76 -19.97
C ALA A 75 6.53 13.59 -19.93
N LEU A 76 7.46 13.39 -20.90
CA LEU A 76 8.71 14.16 -20.98
C LEU A 76 8.49 15.63 -21.38
N LYS A 77 7.31 15.95 -22.00
CA LYS A 77 6.93 17.29 -22.43
C LYS A 77 6.29 18.13 -21.31
N LEU A 78 5.91 17.49 -20.18
CA LEU A 78 5.28 18.17 -19.06
C LEU A 78 6.19 19.24 -18.44
N PRO A 79 5.68 20.46 -18.19
CA PRO A 79 6.54 21.48 -17.58
C PRO A 79 6.97 21.09 -16.17
N HIS A 80 8.19 21.51 -15.78
CA HIS A 80 8.86 21.29 -14.48
C HIS A 80 9.55 19.90 -14.36
N VAL A 81 9.37 19.01 -15.35
CA VAL A 81 9.99 17.68 -15.35
C VAL A 81 11.50 17.77 -15.62
N ASP A 82 12.30 17.24 -14.67
CA ASP A 82 13.76 17.18 -14.76
C ASP A 82 14.14 15.93 -15.58
N TYR A 83 13.60 14.76 -15.16
CA TYR A 83 13.79 13.45 -15.80
C TYR A 83 12.77 12.42 -15.33
N ILE A 84 12.66 11.32 -16.07
CA ILE A 84 11.74 10.23 -15.76
C ILE A 84 12.54 8.96 -15.75
N GLU A 85 12.43 8.18 -14.65
CA GLU A 85 13.15 6.94 -14.49
C GLU A 85 12.25 5.73 -14.41
N GLU A 86 12.50 4.75 -15.28
CA GLU A 86 11.80 3.48 -15.24
C GLU A 86 12.30 2.72 -14.01
N ASP A 87 11.37 2.22 -13.18
CA ASP A 87 11.66 1.45 -11.98
C ASP A 87 12.47 0.19 -12.36
N SER A 88 13.29 -0.28 -11.42
CA SER A 88 14.13 -1.46 -11.53
C SER A 88 14.24 -2.18 -10.18
N SER A 89 14.75 -3.42 -10.19
CA SER A 89 14.91 -4.27 -9.02
C SER A 89 16.15 -3.94 -8.21
N VAL A 90 16.08 -4.23 -6.91
CA VAL A 90 17.18 -4.14 -5.95
C VAL A 90 17.21 -5.49 -5.24
N PHE A 91 18.36 -5.90 -4.73
CA PHE A 91 18.57 -7.23 -4.16
C PHE A 91 19.35 -7.19 -2.88
N ALA A 92 19.07 -8.13 -1.97
CA ALA A 92 19.80 -8.34 -0.72
C ALA A 92 21.20 -8.80 -1.10
N GLN A 93 22.21 -8.20 -0.48
CA GLN A 93 23.60 -8.52 -0.79
C GLN A 93 24.27 -9.40 0.30
N SER B 1 37.11 -16.15 23.98
CA SER B 1 37.54 -15.88 22.62
C SER B 1 36.48 -15.08 21.87
N ILE B 2 36.88 -14.02 21.17
CA ILE B 2 35.90 -13.23 20.43
C ILE B 2 35.81 -13.68 18.96
N PRO B 3 34.66 -13.50 18.25
CA PRO B 3 34.63 -13.84 16.81
C PRO B 3 35.69 -13.04 16.03
N TRP B 4 36.27 -13.62 14.97
CA TRP B 4 37.37 -13.00 14.21
C TRP B 4 37.11 -11.54 13.77
N ASN B 5 35.90 -11.26 13.29
CA ASN B 5 35.44 -9.98 12.74
C ASN B 5 35.39 -8.86 13.74
N LEU B 6 35.20 -9.21 15.02
CA LEU B 6 35.13 -8.25 16.12
C LEU B 6 36.50 -8.00 16.69
N GLU B 7 37.43 -8.90 16.41
CA GLU B 7 38.84 -8.83 16.80
C GLU B 7 39.46 -7.88 15.80
N ARG B 8 39.21 -8.14 14.49
CA ARG B 8 39.71 -7.35 13.34
C ARG B 8 39.48 -5.84 13.46
N ILE B 9 38.24 -5.46 13.85
CA ILE B 9 37.84 -4.06 13.96
C ILE B 9 38.18 -3.44 15.35
N THR B 10 38.86 -4.20 16.22
CA THR B 10 39.28 -3.68 17.50
C THR B 10 40.80 -3.33 17.40
N PRO B 11 41.18 -2.04 17.67
CA PRO B 11 42.59 -1.64 17.52
C PRO B 11 43.53 -2.13 18.64
N PRO B 12 44.89 -2.10 18.44
CA PRO B 12 45.78 -2.58 19.51
C PRO B 12 46.25 -1.49 20.48
N SER B 26 24.41 10.66 22.55
CA SER B 26 24.60 9.23 22.82
C SER B 26 23.45 8.34 22.29
N LEU B 27 22.25 8.92 22.07
CA LEU B 27 21.03 8.25 21.58
C LEU B 27 20.94 8.16 20.02
N VAL B 28 21.79 7.28 19.45
CA VAL B 28 21.96 7.01 18.01
C VAL B 28 20.90 6.02 17.49
N GLU B 29 20.16 6.41 16.43
CA GLU B 29 19.22 5.47 15.82
C GLU B 29 19.74 4.96 14.47
N VAL B 30 19.75 3.63 14.31
CA VAL B 30 20.19 2.98 13.09
C VAL B 30 18.98 2.42 12.31
N TYR B 31 18.71 3.01 11.16
CA TYR B 31 17.63 2.56 10.31
C TYR B 31 18.13 1.49 9.36
N LEU B 32 17.40 0.38 9.28
CA LEU B 32 17.75 -0.71 8.39
C LEU B 32 16.70 -0.88 7.32
N LEU B 33 17.12 -0.90 6.06
CA LEU B 33 16.21 -1.19 4.96
C LEU B 33 16.59 -2.51 4.34
N ASP B 34 15.63 -3.42 4.23
CA ASP B 34 15.93 -4.83 4.26
C ASP B 34 14.70 -5.71 4.36
N THR B 35 14.92 -6.97 4.68
CA THR B 35 13.87 -7.94 4.91
C THR B 35 13.20 -7.74 6.26
N SER B 36 12.16 -8.52 6.50
CA SER B 36 11.56 -8.64 7.82
C SER B 36 12.55 -9.22 8.83
N ILE B 37 12.37 -8.85 10.09
CA ILE B 37 13.31 -9.21 11.13
C ILE B 37 12.56 -9.96 12.27
N GLN B 38 13.25 -10.79 13.07
CA GLN B 38 12.66 -11.41 14.24
C GLN B 38 13.06 -10.51 15.43
N SER B 39 12.18 -9.52 15.76
CA SER B 39 12.38 -8.50 16.80
C SER B 39 12.45 -9.04 18.25
N ASP B 40 12.02 -10.30 18.47
CA ASP B 40 12.08 -10.97 19.78
C ASP B 40 13.33 -11.91 19.92
N HIS B 41 14.31 -11.80 18.98
CA HIS B 41 15.55 -12.55 19.08
C HIS B 41 16.34 -11.94 20.24
N ARG B 42 16.93 -12.80 21.13
CA ARG B 42 17.68 -12.38 22.31
C ARG B 42 18.78 -11.35 22.01
N GLU B 43 19.34 -11.39 20.81
CA GLU B 43 20.41 -10.48 20.41
C GLU B 43 19.98 -9.02 20.34
N ILE B 44 18.74 -8.78 19.90
CA ILE B 44 18.28 -7.42 19.62
C ILE B 44 16.99 -7.03 20.38
N GLU B 45 16.35 -8.00 21.06
CA GLU B 45 15.14 -7.82 21.89
C GLU B 45 15.26 -6.56 22.74
N GLY B 46 14.21 -5.76 22.71
CA GLY B 46 14.13 -4.52 23.45
C GLY B 46 14.88 -3.36 22.83
N ARG B 47 15.64 -3.59 21.77
CA ARG B 47 16.41 -2.50 21.14
C ARG B 47 16.11 -2.32 19.65
N VAL B 48 15.21 -3.14 19.08
CA VAL B 48 14.76 -3.04 17.70
C VAL B 48 13.27 -2.75 17.68
N MET B 49 12.88 -1.75 16.91
CA MET B 49 11.49 -1.48 16.70
C MET B 49 11.17 -1.73 15.22
N VAL B 50 10.13 -2.53 14.98
CA VAL B 50 9.64 -2.78 13.62
C VAL B 50 8.65 -1.65 13.33
N THR B 51 9.00 -0.75 12.40
CA THR B 51 8.16 0.37 11.99
C THR B 51 6.99 -0.17 11.12
N ASP B 52 5.97 0.69 10.84
CA ASP B 52 4.85 0.30 9.99
C ASP B 52 5.22 0.31 8.49
N PHE B 53 6.44 0.84 8.11
CA PHE B 53 6.84 0.91 6.71
C PHE B 53 7.03 -0.42 6.05
N GLU B 54 6.32 -0.58 4.94
CA GLU B 54 6.41 -1.76 4.07
C GLU B 54 6.09 -1.36 2.63
N ASN B 55 7.03 -1.60 1.70
CA ASN B 55 6.89 -1.34 0.24
C ASN B 55 7.75 -2.36 -0.46
N VAL B 56 7.13 -3.50 -0.81
CA VAL B 56 7.79 -4.67 -1.40
C VAL B 56 7.06 -5.19 -2.66
N PRO B 57 7.79 -5.73 -3.66
CA PRO B 57 7.08 -6.35 -4.79
C PRO B 57 6.56 -7.78 -4.46
N GLU B 58 5.48 -7.86 -3.66
CA GLU B 58 4.75 -9.11 -3.31
C GLU B 58 3.37 -8.84 -2.68
N GLU B 59 2.45 -9.84 -2.68
CA GLU B 59 1.14 -9.72 -2.01
C GLU B 59 1.34 -9.81 -0.47
N ASP B 60 0.57 -9.00 0.32
CA ASP B 60 0.69 -8.91 1.80
C ASP B 60 0.76 -10.27 2.53
N GLY B 61 -0.10 -11.21 2.16
CA GLY B 61 -0.13 -12.52 2.80
C GLY B 61 0.89 -13.56 2.42
N THR B 62 1.76 -13.29 1.40
CA THR B 62 2.80 -14.22 0.87
C THR B 62 3.68 -14.87 1.99
N ARG B 63 4.24 -14.06 2.90
CA ARG B 63 5.11 -14.45 4.00
C ARG B 63 4.43 -15.23 5.16
N PHE B 64 3.12 -15.53 5.02
CA PHE B 64 2.31 -16.27 6.00
C PHE B 64 2.00 -17.64 5.46
N HIS B 65 2.10 -17.82 4.13
CA HIS B 65 1.78 -19.08 3.46
C HIS B 65 3.02 -19.75 2.81
N ARG B 66 4.22 -19.27 3.20
CA ARG B 66 5.50 -19.83 2.79
C ARG B 66 5.88 -20.74 3.99
N GLN B 67 5.50 -22.05 3.95
CA GLN B 67 5.72 -23.04 5.04
C GLN B 67 7.17 -23.08 5.52
N ALA B 68 8.08 -22.89 4.54
CA ALA B 68 9.53 -22.84 4.61
C ALA B 68 10.08 -21.86 5.69
N SER B 69 9.71 -20.55 5.61
CA SER B 69 10.21 -19.52 6.51
C SER B 69 9.27 -18.33 6.74
N LYS B 70 9.75 -17.37 7.57
CA LYS B 70 9.09 -16.10 7.91
C LYS B 70 9.69 -14.94 7.10
N CYS B 71 10.68 -15.25 6.20
CA CYS B 71 11.40 -14.34 5.28
C CYS B 71 12.18 -13.26 6.02
N ASP B 72 12.76 -13.61 7.17
CA ASP B 72 13.40 -12.69 8.10
C ASP B 72 14.87 -12.99 8.42
N SER B 73 15.45 -13.99 7.74
CA SER B 73 16.83 -14.44 7.95
C SER B 73 17.91 -13.37 7.64
N HIS B 74 17.77 -12.66 6.51
CA HIS B 74 18.73 -11.62 6.09
C HIS B 74 18.72 -10.41 7.03
N GLY B 75 17.53 -9.86 7.29
CA GLY B 75 17.32 -8.71 8.16
C GLY B 75 17.75 -8.88 9.60
N THR B 76 17.36 -10.01 10.22
CA THR B 76 17.69 -10.40 11.59
C THR B 76 19.21 -10.48 11.78
N HIS B 77 19.92 -11.20 10.87
CA HIS B 77 21.37 -11.35 10.93
C HIS B 77 22.05 -9.99 10.96
N LEU B 78 21.67 -9.10 10.02
CA LEU B 78 22.25 -7.76 9.89
C LEU B 78 21.96 -6.87 11.12
N ALA B 79 20.75 -6.97 11.69
CA ALA B 79 20.39 -6.22 12.89
C ALA B 79 21.31 -6.70 14.02
N GLY B 80 21.59 -8.01 14.05
CA GLY B 80 22.50 -8.66 14.98
C GLY B 80 23.94 -8.19 14.80
N VAL B 81 24.43 -8.04 13.53
CA VAL B 81 25.78 -7.56 13.21
C VAL B 81 26.00 -6.10 13.67
N VAL B 82 24.97 -5.25 13.51
CA VAL B 82 25.04 -3.85 13.92
C VAL B 82 25.01 -3.71 15.45
N SER B 83 23.95 -4.24 16.08
CA SER B 83 23.62 -4.03 17.48
C SER B 83 23.48 -5.25 18.42
N GLY B 84 23.81 -6.44 17.97
CA GLY B 84 23.66 -7.65 18.77
C GLY B 84 24.40 -7.62 20.09
N ARG B 85 23.69 -7.96 21.16
CA ARG B 85 24.18 -7.98 22.55
C ARG B 85 25.50 -8.79 22.72
N ASP B 86 25.61 -10.01 22.15
CA ASP B 86 26.81 -10.87 22.27
C ASP B 86 27.75 -10.86 21.04
N ALA B 87 27.22 -10.63 19.81
CA ALA B 87 28.03 -10.68 18.57
C ALA B 87 28.02 -9.41 17.70
N GLY B 88 27.33 -8.36 18.14
CA GLY B 88 27.22 -7.10 17.41
C GLY B 88 28.38 -6.13 17.64
N VAL B 89 28.49 -5.16 16.75
CA VAL B 89 29.54 -4.13 16.78
C VAL B 89 29.23 -3.10 17.86
N ALA B 90 28.05 -2.49 17.80
CA ALA B 90 27.58 -1.62 18.86
C ALA B 90 26.42 -2.24 19.61
N LYS B 91 26.73 -2.82 20.76
CA LYS B 91 25.77 -3.52 21.60
C LYS B 91 24.69 -2.57 22.10
N GLY B 92 25.08 -1.33 22.37
CA GLY B 92 24.15 -0.23 22.49
C GLY B 92 22.99 -0.39 21.54
N ALA B 93 23.24 -0.22 20.25
CA ALA B 93 22.46 0.68 19.42
C ALA B 93 20.99 0.34 19.49
N SER B 94 20.15 1.33 19.23
CA SER B 94 18.75 1.08 18.93
C SER B 94 18.50 1.16 17.43
N MET B 95 17.60 0.31 16.96
CA MET B 95 17.40 0.13 15.54
C MET B 95 15.93 0.23 15.15
N ARG B 96 15.70 0.66 13.92
CA ARG B 96 14.36 0.84 13.34
C ARG B 96 14.32 0.12 12.01
N SER B 97 13.46 -0.88 11.89
CA SER B 97 13.34 -1.73 10.71
C SER B 97 12.23 -1.28 9.74
N LEU B 98 12.61 -1.18 8.44
CA LEU B 98 11.74 -0.87 7.30
C LEU B 98 11.81 -2.05 6.33
N ARG B 99 10.65 -2.62 5.94
CA ARG B 99 10.61 -3.77 5.03
C ARG B 99 10.55 -3.33 3.57
N VAL B 100 11.67 -3.52 2.83
CA VAL B 100 11.82 -3.17 1.40
C VAL B 100 12.28 -4.38 0.52
N LEU B 101 12.65 -5.51 1.14
CA LEU B 101 13.07 -6.72 0.44
C LEU B 101 12.13 -7.86 0.79
N ASN B 102 11.63 -8.55 -0.23
CA ASN B 102 10.62 -9.58 -0.13
C ASN B 102 11.20 -10.93 0.20
N CYS B 103 10.34 -11.97 0.12
CA CYS B 103 10.62 -13.38 0.36
C CYS B 103 11.67 -13.94 -0.56
N GLN B 104 11.91 -13.28 -1.70
CA GLN B 104 12.92 -13.68 -2.69
C GLN B 104 14.20 -12.86 -2.54
N GLY B 105 14.19 -11.89 -1.62
CA GLY B 105 15.32 -11.01 -1.36
C GLY B 105 15.35 -9.82 -2.29
N LYS B 106 14.20 -9.57 -2.96
CA LYS B 106 14.00 -8.53 -3.96
C LYS B 106 13.15 -7.34 -3.49
N GLY B 107 13.49 -6.18 -4.02
CA GLY B 107 12.82 -4.93 -3.76
C GLY B 107 12.79 -4.13 -5.03
N THR B 108 12.43 -2.85 -4.91
CA THR B 108 12.36 -1.93 -6.06
C THR B 108 13.10 -0.66 -5.73
N VAL B 109 13.50 0.08 -6.76
CA VAL B 109 14.14 1.38 -6.58
C VAL B 109 13.10 2.36 -5.98
N SER B 110 11.84 2.27 -6.46
CA SER B 110 10.72 3.09 -6.01
C SER B 110 10.39 2.86 -4.53
N GLY B 111 10.36 1.60 -4.09
CA GLY B 111 10.09 1.23 -2.71
C GLY B 111 11.17 1.70 -1.74
N THR B 112 12.44 1.67 -2.19
CA THR B 112 13.59 2.15 -1.43
C THR B 112 13.50 3.68 -1.29
N LEU B 113 13.03 4.39 -2.35
CA LEU B 113 12.84 5.85 -2.34
C LEU B 113 11.83 6.25 -1.31
N ILE B 114 10.66 5.59 -1.31
CA ILE B 114 9.57 5.85 -0.37
C ILE B 114 10.03 5.59 1.09
N GLY B 115 10.91 4.61 1.27
CA GLY B 115 11.51 4.30 2.56
C GLY B 115 12.43 5.41 3.04
N LEU B 116 13.28 5.96 2.13
CA LEU B 116 14.20 7.05 2.46
C LEU B 116 13.43 8.30 2.78
N GLU B 117 12.27 8.47 2.12
CA GLU B 117 11.36 9.61 2.28
C GLU B 117 10.71 9.52 3.66
N PHE B 118 10.36 8.30 4.10
CA PHE B 118 9.79 7.98 5.41
C PHE B 118 10.81 8.33 6.50
N ILE B 119 12.10 8.02 6.28
CA ILE B 119 13.20 8.32 7.21
C ILE B 119 13.36 9.83 7.31
N ARG B 120 13.31 10.56 6.17
CA ARG B 120 13.40 12.01 6.22
C ARG B 120 12.26 12.61 7.10
N LYS B 121 11.01 12.15 6.89
CA LYS B 121 9.85 12.58 7.66
C LYS B 121 10.03 12.28 9.15
N SER B 122 10.59 11.10 9.48
CA SER B 122 10.84 10.70 10.87
C SER B 122 11.93 11.54 11.52
N GLN B 123 12.92 12.01 10.74
CA GLN B 123 14.02 12.85 11.19
C GLN B 123 13.50 14.23 11.59
N LEU B 124 12.53 14.76 10.83
CA LEU B 124 11.91 16.06 11.07
C LEU B 124 11.05 16.08 12.34
N VAL B 125 10.43 14.94 12.68
CA VAL B 125 9.58 14.73 13.85
C VAL B 125 10.44 14.53 15.12
N GLN B 126 11.41 13.61 15.05
CA GLN B 126 12.35 13.24 16.11
C GLN B 126 13.23 14.44 16.54
N PRO B 127 13.70 14.50 17.82
CA PRO B 127 14.59 15.62 18.21
C PRO B 127 15.95 15.51 17.52
N VAL B 128 16.60 16.66 17.30
CA VAL B 128 17.92 16.73 16.67
C VAL B 128 18.87 15.72 17.32
N GLY B 129 19.32 14.76 16.52
CA GLY B 129 20.19 13.67 16.95
C GLY B 129 20.90 12.94 15.82
N PRO B 130 21.87 12.06 16.13
CA PRO B 130 22.58 11.36 15.04
C PRO B 130 21.77 10.22 14.44
N LEU B 131 21.82 10.12 13.09
CA LEU B 131 21.04 9.15 12.32
C LEU B 131 21.90 8.37 11.34
N VAL B 132 21.89 7.03 11.48
CA VAL B 132 22.60 6.12 10.58
C VAL B 132 21.56 5.32 9.79
N VAL B 133 21.79 5.22 8.47
CA VAL B 133 20.92 4.47 7.55
C VAL B 133 21.75 3.38 6.86
N LEU B 134 21.37 2.11 7.09
CA LEU B 134 22.01 0.97 6.47
C LEU B 134 21.17 0.45 5.29
N LEU B 135 21.74 0.45 4.07
CA LEU B 135 21.11 -0.02 2.84
C LEU B 135 21.92 -1.25 2.37
N PRO B 136 21.62 -2.45 2.90
CA PRO B 136 22.43 -3.64 2.53
C PRO B 136 21.85 -4.33 1.30
N LEU B 137 21.66 -3.52 0.26
CA LEU B 137 21.06 -3.94 -0.99
C LEU B 137 21.76 -3.25 -2.16
N ALA B 138 21.53 -3.76 -3.39
CA ALA B 138 22.07 -3.17 -4.63
C ALA B 138 21.26 -3.54 -5.85
N GLY B 139 21.27 -2.63 -6.80
CA GLY B 139 20.71 -2.80 -8.12
C GLY B 139 21.66 -2.09 -9.07
N GLY B 140 21.21 -1.83 -10.29
CA GLY B 140 22.01 -1.11 -11.28
C GLY B 140 22.09 0.36 -10.93
N TYR B 141 23.06 1.09 -11.53
CA TYR B 141 23.21 2.53 -11.29
C TYR B 141 21.85 3.20 -11.51
N SER B 142 21.39 3.98 -10.52
CA SER B 142 20.09 4.68 -10.54
C SER B 142 20.29 6.16 -10.25
N ARG B 143 19.95 7.02 -11.23
CA ARG B 143 20.08 8.45 -11.09
C ARG B 143 19.27 9.00 -9.90
N VAL B 144 18.01 8.53 -9.78
CA VAL B 144 17.07 8.95 -8.73
C VAL B 144 17.50 8.44 -7.33
N LEU B 145 17.91 7.16 -7.22
CA LEU B 145 18.33 6.60 -5.92
C LEU B 145 19.61 7.31 -5.41
N ASN B 146 20.54 7.65 -6.32
CA ASN B 146 21.77 8.39 -5.99
C ASN B 146 21.47 9.83 -5.55
N ALA B 147 20.42 10.44 -6.14
CA ALA B 147 19.93 11.79 -5.84
C ALA B 147 19.26 11.83 -4.47
N ALA B 148 18.43 10.81 -4.14
CA ALA B 148 17.75 10.71 -2.85
C ALA B 148 18.76 10.53 -1.72
N CYS B 149 19.80 9.73 -1.96
CA CYS B 149 20.88 9.48 -1.00
C CYS B 149 21.66 10.77 -0.76
N GLN B 150 22.02 11.49 -1.84
CA GLN B 150 22.71 12.78 -1.78
C GLN B 150 21.96 13.81 -0.92
N ARG B 151 20.64 13.91 -1.12
CA ARG B 151 19.78 14.83 -0.38
C ARG B 151 19.74 14.50 1.10
N LEU B 152 19.66 13.21 1.43
CA LEU B 152 19.65 12.72 2.81
C LEU B 152 20.98 13.02 3.53
N ALA B 153 22.10 12.86 2.81
CA ALA B 153 23.45 13.16 3.29
C ALA B 153 23.56 14.65 3.59
N ARG B 154 23.06 15.49 2.65
CA ARG B 154 23.03 16.95 2.78
C ARG B 154 22.28 17.36 4.04
N ALA B 155 21.26 16.58 4.44
CA ALA B 155 20.47 16.79 5.67
C ALA B 155 21.17 16.27 6.97
N GLY B 156 22.44 15.84 6.84
CA GLY B 156 23.27 15.35 7.94
C GLY B 156 23.18 13.87 8.30
N VAL B 157 22.47 13.06 7.49
CA VAL B 157 22.27 11.61 7.71
C VAL B 157 23.51 10.82 7.24
N VAL B 158 23.95 9.82 8.02
CA VAL B 158 25.07 8.96 7.63
C VAL B 158 24.50 7.71 6.93
N LEU B 159 24.74 7.57 5.62
CA LEU B 159 24.25 6.40 4.86
C LEU B 159 25.38 5.45 4.58
N VAL B 160 25.15 4.16 4.90
CA VAL B 160 26.12 3.06 4.70
C VAL B 160 25.46 2.00 3.80
N THR B 161 26.12 1.66 2.69
CA THR B 161 25.60 0.66 1.74
C THR B 161 26.62 -0.43 1.45
N ALA B 162 26.13 -1.58 0.93
CA ALA B 162 26.94 -2.69 0.48
C ALA B 162 27.56 -2.28 -0.88
N ALA B 163 28.83 -2.63 -1.14
CA ALA B 163 29.46 -2.34 -2.43
C ALA B 163 28.84 -3.18 -3.55
N GLY B 164 28.27 -4.34 -3.18
CA GLY B 164 27.67 -5.26 -4.14
C GLY B 164 28.54 -6.50 -4.27
N ASN B 165 27.90 -7.63 -4.58
CA ASN B 165 28.52 -8.96 -4.65
C ASN B 165 28.71 -9.39 -6.11
N PHE B 166 29.08 -8.47 -6.98
CA PHE B 166 29.16 -8.77 -8.40
C PHE B 166 30.54 -9.02 -8.97
N ARG B 167 31.64 -8.90 -8.13
CA ARG B 167 33.06 -9.01 -8.56
C ARG B 167 33.25 -8.06 -9.78
N ASP B 168 32.68 -6.83 -9.64
CA ASP B 168 32.64 -5.82 -10.66
C ASP B 168 32.93 -4.44 -10.08
N ASP B 169 32.90 -3.40 -10.94
CA ASP B 169 33.13 -2.02 -10.52
C ASP B 169 31.85 -1.50 -9.86
N ALA B 170 31.96 -1.10 -8.57
CA ALA B 170 30.84 -0.58 -7.76
C ALA B 170 30.14 0.65 -8.38
N CYS B 171 30.76 1.28 -9.40
CA CYS B 171 30.27 2.43 -10.17
C CYS B 171 29.03 2.11 -10.99
N LEU B 172 28.87 0.85 -11.36
CA LEU B 172 27.73 0.40 -12.15
C LEU B 172 26.50 0.05 -11.28
N TYR B 173 26.63 0.19 -9.93
CA TYR B 173 25.61 -0.21 -8.97
C TYR B 173 25.13 0.93 -8.08
N SER B 174 23.88 0.82 -7.59
CA SER B 174 23.25 1.80 -6.69
C SER B 174 22.60 1.11 -5.49
N PRO B 175 22.69 1.67 -4.24
CA PRO B 175 23.31 2.96 -3.85
C PRO B 175 24.84 3.01 -3.86
N ALA B 176 25.55 1.87 -4.15
CA ALA B 176 27.02 1.75 -4.15
C ALA B 176 27.75 2.94 -4.80
N SER B 177 27.33 3.36 -6.02
CA SER B 177 27.94 4.44 -6.80
C SER B 177 27.69 5.89 -6.27
N ALA B 178 26.84 6.09 -5.26
CA ALA B 178 26.58 7.42 -4.68
C ALA B 178 27.76 7.88 -3.85
N PRO B 179 28.38 9.03 -4.24
CA PRO B 179 29.57 9.50 -3.50
C PRO B 179 29.33 9.92 -2.06
N GLU B 180 28.11 10.36 -1.74
CA GLU B 180 27.71 10.83 -0.40
C GLU B 180 27.33 9.67 0.56
N VAL B 181 27.49 8.44 0.10
CA VAL B 181 27.18 7.22 0.85
C VAL B 181 28.52 6.52 1.12
N ILE B 182 28.64 5.92 2.32
CA ILE B 182 29.84 5.14 2.64
C ILE B 182 29.61 3.75 2.04
N THR B 183 30.35 3.43 0.96
CA THR B 183 30.27 2.16 0.21
C THR B 183 31.30 1.17 0.75
N VAL B 184 30.82 0.03 1.27
CA VAL B 184 31.63 -0.99 1.94
C VAL B 184 31.73 -2.34 1.20
N GLY B 185 32.98 -2.73 0.91
CA GLY B 185 33.31 -4.01 0.29
C GLY B 185 33.60 -5.03 1.38
N ALA B 186 33.80 -6.30 1.00
CA ALA B 186 34.02 -7.34 2.01
C ALA B 186 35.39 -8.00 1.94
N THR B 187 36.01 -8.20 3.12
CA THR B 187 37.28 -8.91 3.32
C THR B 187 37.06 -10.05 4.33
N ASN B 188 37.93 -11.07 4.30
CA ASN B 188 37.87 -12.23 5.19
C ASN B 188 38.96 -12.23 6.26
N ALA B 189 38.98 -13.29 7.09
CA ALA B 189 39.92 -13.48 8.19
C ALA B 189 41.41 -13.41 7.78
N GLN B 190 41.70 -13.67 6.49
CA GLN B 190 43.04 -13.70 5.92
C GLN B 190 43.33 -12.40 5.14
N ASP B 191 42.50 -11.35 5.39
CA ASP B 191 42.57 -10.01 4.77
C ASP B 191 42.55 -10.08 3.22
N GLN B 192 41.73 -10.99 2.70
CA GLN B 192 41.56 -11.19 1.27
C GLN B 192 40.17 -10.70 0.86
N PRO B 193 39.97 -10.24 -0.40
CA PRO B 193 38.60 -9.90 -0.81
C PRO B 193 37.75 -11.19 -0.86
N VAL B 194 36.47 -11.08 -0.53
CA VAL B 194 35.57 -12.23 -0.40
C VAL B 194 35.05 -12.77 -1.75
N THR B 195 35.17 -14.11 -1.93
CA THR B 195 34.62 -14.86 -3.08
C THR B 195 33.24 -15.34 -2.64
N LEU B 196 32.21 -15.10 -3.46
CA LEU B 196 30.87 -15.48 -3.00
C LEU B 196 30.36 -16.72 -3.76
N GLY B 197 30.36 -16.73 -5.07
CA GLY B 197 30.07 -17.98 -5.76
C GLY B 197 31.14 -18.04 -6.82
N THR B 198 30.76 -17.58 -8.01
CA THR B 198 31.60 -17.35 -9.16
C THR B 198 31.88 -15.84 -9.15
N LEU B 199 31.29 -15.16 -8.16
CA LEU B 199 31.40 -13.70 -7.93
C LEU B 199 32.07 -13.42 -6.57
N GLY B 200 31.84 -12.23 -6.04
CA GLY B 200 32.41 -11.80 -4.78
C GLY B 200 32.27 -10.30 -4.61
N THR B 201 33.01 -9.70 -3.66
CA THR B 201 32.97 -8.26 -3.40
C THR B 201 33.28 -7.43 -4.64
N ASN B 202 32.59 -6.31 -4.77
CA ASN B 202 32.84 -5.31 -5.81
C ASN B 202 34.10 -4.51 -5.38
N PHE B 203 34.67 -3.75 -6.32
CA PHE B 203 35.87 -2.96 -6.10
C PHE B 203 35.75 -1.61 -6.87
N GLY B 204 36.87 -0.89 -6.98
CA GLY B 204 36.94 0.38 -7.69
C GLY B 204 36.90 1.61 -6.83
N ARG B 205 36.97 2.77 -7.50
CA ARG B 205 36.96 4.10 -6.89
C ARG B 205 35.68 4.45 -6.10
N CYS B 206 34.57 3.73 -6.33
CA CYS B 206 33.31 3.96 -5.62
C CYS B 206 33.26 3.28 -4.26
N VAL B 207 34.19 2.35 -4.00
CA VAL B 207 34.30 1.68 -2.72
C VAL B 207 35.07 2.64 -1.79
N ASP B 208 34.50 2.92 -0.63
CA ASP B 208 35.14 3.83 0.30
C ASP B 208 36.16 3.12 1.16
N LEU B 209 35.82 1.92 1.65
CA LEU B 209 36.68 1.03 2.44
C LEU B 209 36.08 -0.39 2.45
N PHE B 210 36.75 -1.35 3.13
CA PHE B 210 36.33 -2.75 3.29
C PHE B 210 36.11 -3.01 4.77
N ALA B 211 35.37 -4.08 5.09
CA ALA B 211 35.11 -4.47 6.48
C ALA B 211 34.87 -5.98 6.50
N PRO B 212 35.00 -6.69 7.65
CA PRO B 212 34.75 -8.15 7.67
C PRO B 212 33.40 -8.54 7.04
N GLY B 213 33.43 -9.44 6.07
CA GLY B 213 32.22 -9.85 5.35
C GLY B 213 32.16 -11.29 4.92
N GLU B 214 32.97 -12.15 5.56
CA GLU B 214 33.02 -13.59 5.35
C GLU B 214 33.04 -14.27 6.71
N ASP B 215 32.26 -15.36 6.87
CA ASP B 215 32.16 -16.11 8.13
C ASP B 215 31.79 -15.18 9.30
N ILE B 216 30.70 -14.41 9.13
CA ILE B 216 30.17 -13.46 10.12
C ILE B 216 29.06 -14.12 10.95
N ILE B 217 29.35 -14.38 12.22
CA ILE B 217 28.40 -14.99 13.16
C ILE B 217 27.44 -13.90 13.62
N GLY B 218 26.17 -14.22 13.63
CA GLY B 218 25.13 -13.29 14.02
C GLY B 218 23.82 -14.00 14.17
N ALA B 219 22.83 -13.30 14.73
CA ALA B 219 21.47 -13.78 15.02
C ALA B 219 20.80 -14.58 13.91
N SER B 220 20.33 -15.79 14.21
CA SER B 220 19.58 -16.63 13.27
C SER B 220 18.10 -16.54 13.59
N SER B 221 17.25 -16.32 12.57
CA SER B 221 15.81 -16.23 12.82
C SER B 221 15.13 -17.61 13.06
N ASP B 222 15.91 -18.71 13.13
CA ASP B 222 15.43 -20.07 13.40
C ASP B 222 14.79 -20.18 14.76
N CYS B 223 15.36 -19.50 15.75
CA CYS B 223 14.89 -19.44 17.11
C CYS B 223 15.54 -18.25 17.79
N SER B 224 14.95 -17.75 18.89
CA SER B 224 15.39 -16.55 19.59
C SER B 224 16.81 -16.55 20.19
N THR B 225 17.49 -17.73 20.28
CA THR B 225 18.86 -17.82 20.82
C THR B 225 19.87 -18.40 19.82
N CYS B 226 19.42 -18.67 18.57
CA CYS B 226 20.23 -19.24 17.51
C CYS B 226 21.17 -18.24 16.84
N PHE B 227 22.27 -18.75 16.31
CA PHE B 227 23.27 -18.00 15.58
C PHE B 227 23.61 -18.74 14.31
N VAL B 228 23.99 -17.98 13.28
CA VAL B 228 24.33 -18.55 11.98
C VAL B 228 25.44 -17.70 11.38
N SER B 229 26.26 -18.32 10.54
CA SER B 229 27.32 -17.60 9.85
C SER B 229 26.82 -17.25 8.46
N GLN B 230 26.99 -15.99 8.05
CA GLN B 230 26.62 -15.49 6.71
C GLN B 230 27.77 -14.68 6.15
N SER B 231 27.84 -14.61 4.80
CA SER B 231 28.87 -13.90 4.06
C SER B 231 28.25 -13.09 2.94
N GLY B 232 28.75 -11.87 2.73
CA GLY B 232 28.31 -10.94 1.69
C GLY B 232 28.70 -9.52 2.01
N THR B 233 28.56 -8.58 1.04
CA THR B 233 28.90 -7.18 1.29
C THR B 233 27.86 -6.52 2.24
N SER B 234 26.68 -7.16 2.42
CA SER B 234 25.62 -6.75 3.32
C SER B 234 26.17 -6.77 4.75
N GLN B 235 26.91 -7.86 5.11
CA GLN B 235 27.55 -8.07 6.40
C GLN B 235 28.67 -7.10 6.61
N ALA B 236 29.45 -6.81 5.55
CA ALA B 236 30.54 -5.85 5.57
C ALA B 236 29.98 -4.46 5.90
N ALA B 237 28.95 -3.99 5.15
CA ALA B 237 28.26 -2.71 5.40
C ALA B 237 27.68 -2.60 6.82
N ALA B 238 27.12 -3.68 7.38
CA ALA B 238 26.55 -3.70 8.73
C ALA B 238 27.60 -3.45 9.82
N HIS B 239 28.87 -3.86 9.59
CA HIS B 239 30.01 -3.62 10.50
C HIS B 239 30.28 -2.13 10.56
N VAL B 240 30.33 -1.47 9.38
CA VAL B 240 30.58 -0.03 9.26
C VAL B 240 29.41 0.80 9.86
N ALA B 241 28.14 0.36 9.69
CA ALA B 241 26.98 1.03 10.32
C ALA B 241 27.14 0.97 11.88
N GLY B 242 27.64 -0.17 12.40
CA GLY B 242 27.92 -0.37 13.82
C GLY B 242 29.06 0.53 14.30
N ILE B 243 30.17 0.59 13.51
CA ILE B 243 31.30 1.46 13.83
C ILE B 243 30.83 2.92 13.87
N ALA B 244 30.06 3.38 12.84
CA ALA B 244 29.52 4.74 12.78
C ALA B 244 28.60 5.07 13.96
N ALA B 245 27.78 4.12 14.42
CA ALA B 245 26.87 4.28 15.56
C ALA B 245 27.63 4.47 16.88
N MET B 246 28.79 3.78 17.04
CA MET B 246 29.70 3.87 18.21
C MET B 246 30.33 5.28 18.22
N MET B 247 30.88 5.70 17.08
CA MET B 247 31.49 6.99 16.84
C MET B 247 30.56 8.18 17.12
N LEU B 248 29.27 8.04 16.73
CA LEU B 248 28.24 9.05 16.92
C LEU B 248 27.69 9.04 18.34
N SER B 249 27.83 7.90 19.06
CA SER B 249 27.37 7.80 20.45
C SER B 249 28.29 8.62 21.37
N ALA B 250 29.55 8.79 20.97
CA ALA B 250 30.58 9.53 21.69
C ALA B 250 30.62 10.98 21.21
N GLU B 251 30.52 11.22 19.90
CA GLU B 251 30.55 12.55 19.31
C GLU B 251 29.25 12.79 18.45
N PRO B 252 28.08 13.06 19.08
CA PRO B 252 26.83 13.20 18.31
C PRO B 252 26.74 14.30 17.25
N GLU B 253 27.62 15.30 17.33
CA GLU B 253 27.61 16.44 16.41
C GLU B 253 28.52 16.28 15.19
N LEU B 254 29.05 15.05 14.96
CA LEU B 254 29.94 14.79 13.83
C LEU B 254 29.24 14.96 12.49
N THR B 255 29.90 15.65 11.55
CA THR B 255 29.41 15.83 10.17
C THR B 255 29.61 14.47 9.50
N LEU B 256 29.02 14.27 8.32
CA LEU B 256 29.24 13.04 7.57
C LEU B 256 30.72 13.05 7.08
N ALA B 257 31.22 14.25 6.69
CA ALA B 257 32.59 14.48 6.26
C ALA B 257 33.55 14.21 7.39
N GLU B 258 33.15 14.57 8.64
CA GLU B 258 33.96 14.35 9.84
C GLU B 258 34.01 12.88 10.22
N LEU B 259 32.89 12.16 10.04
CA LEU B 259 32.78 10.73 10.35
C LEU B 259 33.54 9.92 9.32
N ARG B 260 33.35 10.24 8.01
CA ARG B 260 34.05 9.56 6.92
C ARG B 260 35.56 9.73 7.08
N GLN B 261 35.99 10.94 7.48
CA GLN B 261 37.39 11.29 7.74
C GLN B 261 37.96 10.38 8.83
N ARG B 262 37.23 10.19 9.92
CA ARG B 262 37.63 9.32 11.03
C ARG B 262 37.67 7.83 10.63
N LEU B 263 36.72 7.34 9.80
CA LEU B 263 36.70 5.96 9.32
C LEU B 263 37.95 5.64 8.54
N ILE B 264 38.31 6.51 7.55
CA ILE B 264 39.48 6.36 6.71
C ILE B 264 40.73 6.40 7.57
N HIS B 265 40.81 7.39 8.48
CA HIS B 265 41.92 7.62 9.40
C HIS B 265 42.26 6.44 10.30
N PHE B 266 41.24 5.86 10.96
CA PHE B 266 41.47 4.76 11.90
C PHE B 266 41.50 3.38 11.27
N SER B 267 41.23 3.26 9.98
CA SER B 267 41.22 1.96 9.32
C SER B 267 42.62 1.34 9.21
N ALA B 268 42.70 -0.01 9.13
CA ALA B 268 43.92 -0.76 8.89
C ALA B 268 44.29 -0.53 7.40
N LYS B 269 45.56 -0.25 7.10
CA LYS B 269 45.95 0.11 5.73
C LYS B 269 46.93 -0.85 5.09
N ASP B 270 46.88 -0.97 3.74
CA ASP B 270 47.77 -1.82 2.92
C ASP B 270 47.91 -3.23 3.46
N VAL B 271 46.77 -3.82 3.76
CA VAL B 271 46.65 -5.12 4.39
C VAL B 271 45.95 -6.15 3.46
N ILE B 272 45.26 -5.67 2.42
CA ILE B 272 44.51 -6.48 1.44
C ILE B 272 45.43 -6.88 0.28
N ASN B 273 45.39 -8.16 -0.10
CA ASN B 273 46.15 -8.66 -1.24
C ASN B 273 45.43 -8.17 -2.51
N GLU B 274 45.97 -7.09 -3.17
CA GLU B 274 45.32 -6.51 -4.35
C GLU B 274 45.40 -7.43 -5.58
N ALA B 275 46.01 -8.63 -5.44
CA ALA B 275 46.11 -9.63 -6.52
C ALA B 275 44.76 -10.22 -6.95
N TRP B 276 43.76 -10.25 -6.04
CA TRP B 276 42.42 -10.75 -6.33
C TRP B 276 41.66 -9.82 -7.26
N PHE B 277 42.03 -8.51 -7.29
CA PHE B 277 41.36 -7.53 -8.12
C PHE B 277 41.90 -7.48 -9.54
N PRO B 278 41.10 -7.08 -10.56
CA PRO B 278 41.68 -6.89 -11.90
C PRO B 278 42.81 -5.85 -11.83
N GLU B 279 43.89 -6.04 -12.61
CA GLU B 279 45.09 -5.18 -12.63
C GLU B 279 44.79 -3.69 -12.70
N ASP B 280 43.89 -3.29 -13.60
CA ASP B 280 43.54 -1.89 -13.83
C ASP B 280 42.73 -1.26 -12.67
N GLN B 281 42.30 -2.08 -11.69
CA GLN B 281 41.48 -1.69 -10.55
C GLN B 281 42.21 -1.62 -9.23
N ARG B 282 43.41 -2.21 -9.16
CA ARG B 282 44.25 -2.25 -7.97
C ARG B 282 44.60 -0.89 -7.39
N VAL B 283 44.96 0.08 -8.25
CA VAL B 283 45.33 1.44 -7.86
C VAL B 283 44.11 2.27 -7.45
N LEU B 284 42.95 1.92 -8.02
CA LEU B 284 41.67 2.61 -7.80
C LEU B 284 40.93 2.14 -6.58
N THR B 285 41.21 0.91 -6.09
CA THR B 285 40.53 0.32 -4.93
C THR B 285 41.25 0.71 -3.65
N PRO B 286 40.54 1.27 -2.64
CA PRO B 286 41.24 1.62 -1.39
C PRO B 286 41.64 0.37 -0.60
N ASN B 287 42.90 0.31 -0.18
CA ASN B 287 43.40 -0.81 0.59
C ASN B 287 43.27 -0.50 2.08
N LEU B 288 41.99 -0.38 2.52
CA LEU B 288 41.61 -0.05 3.91
C LEU B 288 40.60 -1.02 4.43
N VAL B 289 40.80 -1.50 5.67
CA VAL B 289 39.85 -2.35 6.36
C VAL B 289 39.43 -1.58 7.60
N ALA B 290 38.11 -1.37 7.75
CA ALA B 290 37.51 -0.63 8.86
C ALA B 290 37.95 -1.11 10.21
N ALA B 291 38.06 -0.15 11.16
CA ALA B 291 38.39 -0.37 12.57
C ALA B 291 37.79 0.74 13.39
N LEU B 292 37.58 0.49 14.66
CA LEU B 292 37.03 1.44 15.62
C LEU B 292 38.13 2.40 16.10
N PRO B 293 37.81 3.64 16.52
CA PRO B 293 38.87 4.51 17.10
C PRO B 293 39.39 3.94 18.43
N PRO B 294 40.69 4.09 18.77
CA PRO B 294 41.18 3.51 20.04
C PRO B 294 41.00 4.43 21.25
N THR C 1 -12.71 -15.65 24.56
CA THR C 1 -13.53 -15.78 25.76
C THR C 1 -13.92 -14.40 26.33
N THR C 2 -12.95 -13.46 26.43
CA THR C 2 -13.16 -12.07 26.93
C THR C 2 -13.36 -11.06 25.77
N ALA C 3 -12.94 -11.47 24.54
CA ALA C 3 -13.09 -10.74 23.29
C ALA C 3 -14.49 -11.06 22.75
N THR C 4 -15.07 -10.15 21.95
CA THR C 4 -16.43 -10.32 21.42
C THR C 4 -16.48 -10.54 19.90
N PHE C 5 -17.52 -11.23 19.43
CA PHE C 5 -17.74 -11.45 18.01
C PHE C 5 -18.83 -10.47 17.54
N HIS C 6 -18.60 -9.80 16.40
CA HIS C 6 -19.56 -8.85 15.83
C HIS C 6 -19.84 -9.19 14.37
N ARG C 7 -21.09 -9.08 13.95
CA ARG C 7 -21.50 -9.31 12.57
C ARG C 7 -22.63 -8.33 12.20
N CYS C 8 -22.95 -8.20 10.91
CA CYS C 8 -23.98 -7.30 10.43
C CYS C 8 -25.43 -7.69 10.90
N ALA C 9 -26.12 -6.75 11.55
CA ALA C 9 -27.51 -6.89 12.01
C ALA C 9 -28.51 -6.94 10.83
N LYS C 10 -28.11 -6.45 9.61
CA LYS C 10 -28.88 -6.51 8.35
C LYS C 10 -28.35 -7.80 7.65
N ASP C 11 -28.92 -8.94 8.06
CA ASP C 11 -28.59 -10.32 7.70
C ASP C 11 -28.29 -10.58 6.21
N PRO C 12 -29.04 -10.06 5.19
CA PRO C 12 -28.63 -10.34 3.80
C PRO C 12 -27.28 -9.76 3.39
N TRP C 13 -26.77 -8.75 4.13
CA TRP C 13 -25.52 -8.06 3.83
C TRP C 13 -24.27 -8.74 4.43
N ARG C 14 -24.48 -9.75 5.28
CA ARG C 14 -23.41 -10.53 5.92
C ARG C 14 -22.57 -11.30 4.87
N LEU C 15 -21.23 -11.38 5.10
CA LEU C 15 -20.29 -12.11 4.22
C LEU C 15 -19.51 -13.12 5.11
N PRO C 16 -20.17 -14.23 5.52
CA PRO C 16 -19.46 -15.22 6.36
C PRO C 16 -18.25 -15.81 5.65
N GLY C 17 -17.20 -16.12 6.40
CA GLY C 17 -15.99 -16.69 5.80
C GLY C 17 -14.79 -15.78 5.77
N THR C 18 -14.98 -14.46 5.99
CA THR C 18 -13.93 -13.44 6.05
C THR C 18 -14.16 -12.63 7.33
N TYR C 19 -13.11 -12.50 8.15
CA TYR C 19 -13.18 -11.84 9.44
C TYR C 19 -12.06 -10.84 9.64
N VAL C 20 -12.37 -9.72 10.29
CA VAL C 20 -11.37 -8.73 10.64
C VAL C 20 -11.06 -9.02 12.11
N VAL C 21 -9.86 -9.52 12.40
CA VAL C 21 -9.43 -9.80 13.77
C VAL C 21 -8.75 -8.52 14.25
N VAL C 22 -9.40 -7.82 15.19
CA VAL C 22 -8.90 -6.54 15.71
C VAL C 22 -8.22 -6.79 17.03
N LEU C 23 -6.99 -6.26 17.17
CA LEU C 23 -6.16 -6.39 18.37
C LEU C 23 -6.20 -5.13 19.21
N LYS C 24 -5.90 -5.27 20.52
CA LYS C 24 -5.89 -4.18 21.50
C LYS C 24 -5.00 -3.02 21.03
N GLU C 25 -5.52 -1.79 21.14
CA GLU C 25 -4.98 -0.51 20.66
C GLU C 25 -3.45 -0.34 20.57
N GLU C 26 -2.70 -0.67 21.63
CA GLU C 26 -1.25 -0.47 21.65
C GLU C 26 -0.42 -1.60 20.97
N THR C 27 -1.09 -2.60 20.34
CA THR C 27 -0.44 -3.73 19.65
C THR C 27 0.33 -3.23 18.42
N HIS C 28 1.56 -3.70 18.26
CA HIS C 28 2.44 -3.31 17.15
C HIS C 28 2.47 -4.43 16.11
N LEU C 29 2.88 -4.07 14.88
CA LEU C 29 3.03 -4.94 13.71
C LEU C 29 3.54 -6.35 14.03
N SER C 30 4.69 -6.46 14.75
CA SER C 30 5.34 -7.71 15.18
C SER C 30 4.37 -8.63 15.91
N GLN C 31 3.51 -8.05 16.77
CA GLN C 31 2.53 -8.83 17.51
C GLN C 31 1.38 -9.30 16.62
N SER C 32 0.95 -8.49 15.63
CA SER C 32 -0.13 -8.90 14.71
C SER C 32 0.33 -10.08 13.87
N GLU C 33 1.62 -10.10 13.47
CA GLU C 33 2.21 -11.19 12.69
C GLU C 33 2.23 -12.47 13.49
N ARG C 34 2.63 -12.39 14.79
CA ARG C 34 2.65 -13.58 15.68
C ARG C 34 1.25 -14.17 15.85
N THR C 35 0.26 -13.31 16.23
CA THR C 35 -1.14 -13.67 16.45
C THR C 35 -1.74 -14.36 15.23
N ALA C 36 -1.52 -13.82 14.02
CA ALA C 36 -2.04 -14.36 12.77
C ALA C 36 -1.44 -15.73 12.51
N ARG C 37 -0.13 -15.88 12.77
CA ARG C 37 0.65 -17.11 12.62
C ARG C 37 0.13 -18.18 13.61
N ARG C 38 -0.16 -17.73 14.86
CA ARG C 38 -0.73 -18.56 15.94
C ARG C 38 -2.14 -19.09 15.57
N LEU C 39 -3.02 -18.21 15.05
CA LEU C 39 -4.33 -18.64 14.60
C LEU C 39 -4.20 -19.72 13.50
N GLN C 40 -3.26 -19.52 12.56
CA GLN C 40 -3.01 -20.46 11.46
C GLN C 40 -2.58 -21.84 11.91
N ALA C 41 -1.63 -21.90 12.87
CA ALA C 41 -1.06 -23.12 13.48
C ALA C 41 -2.17 -23.93 14.18
N GLN C 42 -2.90 -23.28 15.15
CA GLN C 42 -4.04 -23.83 15.89
C GLN C 42 -5.10 -24.39 14.96
N ALA C 43 -5.49 -23.64 13.91
CA ALA C 43 -6.49 -24.08 12.94
C ALA C 43 -6.04 -25.31 12.16
N ALA C 44 -4.75 -25.34 11.72
CA ALA C 44 -4.15 -26.43 10.96
C ALA C 44 -4.14 -27.72 11.79
N ARG C 45 -3.80 -27.63 13.11
CA ARG C 45 -3.84 -28.76 14.04
C ARG C 45 -5.24 -29.42 14.00
N ARG C 46 -6.32 -28.61 13.87
CA ARG C 46 -7.70 -29.07 13.82
C ARG C 46 -8.16 -29.43 12.40
N GLY C 47 -7.24 -29.40 11.45
CA GLY C 47 -7.53 -29.75 10.07
C GLY C 47 -8.17 -28.66 9.23
N TYR C 48 -8.07 -27.39 9.69
CA TYR C 48 -8.64 -26.22 9.00
C TYR C 48 -7.62 -25.38 8.24
N LEU C 49 -7.92 -25.07 6.98
CA LEU C 49 -7.11 -24.21 6.13
C LEU C 49 -7.45 -22.75 6.41
N THR C 50 -6.43 -21.86 6.44
CA THR C 50 -6.66 -20.42 6.64
C THR C 50 -5.82 -19.59 5.67
N LYS C 51 -6.35 -18.42 5.24
CA LYS C 51 -5.64 -17.50 4.34
C LYS C 51 -5.55 -16.09 4.97
N ILE C 52 -4.34 -15.58 5.22
CA ILE C 52 -4.17 -14.24 5.77
C ILE C 52 -4.17 -13.31 4.57
N LEU C 53 -5.25 -12.52 4.40
CA LEU C 53 -5.40 -11.65 3.26
C LEU C 53 -4.67 -10.33 3.40
N HIS C 54 -4.61 -9.80 4.64
CA HIS C 54 -4.05 -8.48 4.91
C HIS C 54 -3.67 -8.33 6.37
N VAL C 55 -2.60 -7.55 6.63
CA VAL C 55 -2.17 -7.23 7.99
C VAL C 55 -2.34 -5.73 8.17
N PHE C 56 -3.14 -5.34 9.14
CA PHE C 56 -3.39 -3.94 9.44
C PHE C 56 -2.32 -3.32 10.32
N HIS C 57 -1.83 -2.18 9.90
CA HIS C 57 -0.87 -1.37 10.63
C HIS C 57 -1.05 0.07 10.23
N GLY C 58 -1.11 0.93 11.23
CA GLY C 58 -1.25 2.37 11.06
C GLY C 58 -2.55 2.91 11.63
N LEU C 59 -3.67 2.37 11.15
CA LEU C 59 -4.95 2.83 11.63
C LEU C 59 -5.34 1.99 12.86
N LEU C 60 -5.63 0.72 12.63
CA LEU C 60 -5.95 -0.15 13.73
C LEU C 60 -5.13 -1.42 13.65
N PRO C 61 -4.71 -2.02 14.79
CA PRO C 61 -3.88 -3.22 14.71
C PRO C 61 -4.73 -4.47 14.56
N GLY C 62 -4.35 -5.30 13.61
CA GLY C 62 -5.04 -6.55 13.37
C GLY C 62 -4.75 -7.17 12.03
N PHE C 63 -5.65 -8.04 11.57
CA PHE C 63 -5.48 -8.72 10.29
C PHE C 63 -6.82 -9.18 9.71
N LEU C 64 -6.80 -9.53 8.42
CA LEU C 64 -7.96 -10.03 7.68
C LEU C 64 -7.67 -11.48 7.35
N VAL C 65 -8.57 -12.37 7.78
CA VAL C 65 -8.45 -13.81 7.61
C VAL C 65 -9.66 -14.42 6.88
N LYS C 66 -9.37 -15.35 5.95
CA LYS C 66 -10.36 -16.16 5.25
C LYS C 66 -10.26 -17.51 5.94
N MET C 67 -11.30 -17.84 6.70
CA MET C 67 -11.36 -19.08 7.49
C MET C 67 -12.82 -19.47 7.69
N SER C 68 -13.07 -20.69 8.20
CA SER C 68 -14.40 -21.19 8.50
C SER C 68 -14.85 -20.57 9.83
N GLY C 69 -16.14 -20.23 9.89
CA GLY C 69 -16.80 -19.69 11.09
C GLY C 69 -16.69 -20.62 12.29
N ASP C 70 -16.47 -21.95 12.04
CA ASP C 70 -16.28 -22.95 13.09
C ASP C 70 -15.07 -22.60 14.01
N LEU C 71 -14.11 -21.80 13.50
CA LEU C 71 -12.89 -21.40 14.22
C LEU C 71 -13.02 -20.13 15.06
N LEU C 72 -14.21 -19.51 15.13
CA LEU C 72 -14.39 -18.23 15.86
C LEU C 72 -14.21 -18.33 17.37
N GLU C 73 -14.66 -19.44 18.02
CA GLU C 73 -14.42 -19.56 19.47
C GLU C 73 -12.92 -19.75 19.75
N LEU C 74 -12.22 -20.48 18.87
CA LEU C 74 -10.77 -20.67 18.94
C LEU C 74 -10.10 -19.28 18.82
N ALA C 75 -10.45 -18.54 17.74
CA ALA C 75 -9.92 -17.23 17.43
C ALA C 75 -10.17 -16.17 18.51
N LEU C 76 -11.33 -16.24 19.22
CA LEU C 76 -11.65 -15.28 20.30
C LEU C 76 -10.78 -15.49 21.56
N LYS C 77 -10.13 -16.67 21.67
CA LYS C 77 -9.25 -17.06 22.79
C LYS C 77 -7.78 -16.62 22.62
N LEU C 78 -7.37 -16.19 21.39
CA LEU C 78 -5.99 -15.75 21.14
C LEU C 78 -5.65 -14.50 21.97
N PRO C 79 -4.50 -14.44 22.66
CA PRO C 79 -4.12 -13.22 23.40
C PRO C 79 -3.95 -12.02 22.47
N HIS C 80 -4.24 -10.82 23.00
CA HIS C 80 -4.19 -9.49 22.35
C HIS C 80 -5.43 -9.17 21.49
N VAL C 81 -6.29 -10.18 21.18
CA VAL C 81 -7.54 -9.96 20.45
C VAL C 81 -8.50 -9.07 21.28
N ASP C 82 -9.01 -8.02 20.65
CA ASP C 82 -9.97 -7.08 21.21
C ASP C 82 -11.38 -7.59 20.84
N TYR C 83 -11.60 -7.85 19.52
CA TYR C 83 -12.85 -8.36 18.94
C TYR C 83 -12.63 -8.86 17.51
N ILE C 84 -13.60 -9.62 16.99
CA ILE C 84 -13.55 -10.18 15.65
C ILE C 84 -14.83 -9.80 14.96
N GLU C 85 -14.72 -9.23 13.76
CA GLU C 85 -15.87 -8.80 12.97
C GLU C 85 -16.01 -9.54 11.66
N GLU C 86 -17.17 -10.14 11.44
CA GLU C 86 -17.50 -10.79 10.19
C GLU C 86 -17.70 -9.68 9.14
N ASP C 87 -17.06 -9.82 7.98
CA ASP C 87 -17.18 -8.87 6.88
C ASP C 87 -18.67 -8.80 6.42
N SER C 88 -19.06 -7.63 5.91
CA SER C 88 -20.37 -7.33 5.39
C SER C 88 -20.27 -6.36 4.20
N SER C 89 -21.38 -6.20 3.45
CA SER C 89 -21.45 -5.36 2.27
C SER C 89 -21.67 -3.89 2.60
N VAL C 90 -21.20 -3.01 1.71
CA VAL C 90 -21.44 -1.56 1.76
C VAL C 90 -21.94 -1.22 0.36
N PHE C 91 -22.72 -0.14 0.24
CA PHE C 91 -23.38 0.22 -1.02
C PHE C 91 -23.27 1.68 -1.33
N ALA C 92 -23.22 2.02 -2.63
CA ALA C 92 -23.27 3.39 -3.13
C ALA C 92 -24.64 3.97 -2.76
N GLN C 93 -24.64 5.17 -2.17
CA GLN C 93 -25.88 5.82 -1.74
C GLN C 93 -26.35 6.94 -2.70
N SER D 1 -28.10 31.44 -14.83
CA SER D 1 -28.82 30.93 -13.66
C SER D 1 -27.97 29.88 -12.95
N ILE D 2 -27.90 29.93 -11.60
CA ILE D 2 -27.14 28.94 -10.85
C ILE D 2 -28.05 27.78 -10.41
N PRO D 3 -27.54 26.51 -10.29
CA PRO D 3 -28.41 25.43 -9.84
C PRO D 3 -28.98 25.72 -8.44
N TRP D 4 -30.21 25.25 -8.18
CA TRP D 4 -30.94 25.45 -6.92
C TRP D 4 -30.09 25.14 -5.66
N ASN D 5 -29.31 24.03 -5.72
CA ASN D 5 -28.51 23.49 -4.62
C ASN D 5 -27.31 24.38 -4.24
N LEU D 6 -26.80 25.17 -5.21
CA LEU D 6 -25.68 26.09 -4.99
C LEU D 6 -26.17 27.44 -4.42
N GLU D 7 -27.42 27.84 -4.70
CA GLU D 7 -27.98 29.08 -4.13
C GLU D 7 -28.35 28.83 -2.70
N ARG D 8 -29.01 27.67 -2.46
CA ARG D 8 -29.46 27.14 -1.16
C ARG D 8 -28.37 27.23 -0.07
N ILE D 9 -27.14 26.78 -0.40
CA ILE D 9 -25.99 26.78 0.50
C ILE D 9 -25.19 28.11 0.47
N THR D 10 -25.67 29.09 -0.29
CA THR D 10 -25.03 30.40 -0.35
C THR D 10 -25.84 31.38 0.54
N PRO D 11 -25.21 31.99 1.59
CA PRO D 11 -25.99 32.87 2.49
C PRO D 11 -26.30 34.26 1.92
N LEU D 27 -4.59 24.30 -0.51
CA LEU D 27 -3.81 23.09 -0.26
C LEU D 27 -4.61 21.94 0.42
N VAL D 28 -5.96 21.97 0.30
CA VAL D 28 -6.87 20.94 0.84
C VAL D 28 -7.20 19.94 -0.25
N GLU D 29 -7.04 18.66 0.06
CA GLU D 29 -7.45 17.60 -0.86
C GLU D 29 -8.61 16.86 -0.29
N VAL D 30 -9.52 16.39 -1.18
CA VAL D 30 -10.68 15.61 -0.77
C VAL D 30 -10.49 14.19 -1.24
N TYR D 31 -10.38 13.24 -0.32
CA TYR D 31 -10.27 11.85 -0.70
C TYR D 31 -11.66 11.27 -0.83
N LEU D 32 -11.94 10.67 -1.97
CA LEU D 32 -13.24 10.07 -2.21
C LEU D 32 -13.11 8.56 -2.34
N LEU D 33 -13.91 7.84 -1.57
CA LEU D 33 -13.94 6.39 -1.64
C LEU D 33 -15.29 5.92 -2.18
N ASP D 34 -15.25 5.13 -3.24
CA ASP D 34 -16.35 5.08 -4.20
C ASP D 34 -16.00 4.25 -5.41
N THR D 35 -16.77 4.45 -6.47
CA THR D 35 -16.42 3.96 -7.78
C THR D 35 -15.30 4.77 -8.37
N SER D 36 -14.73 4.28 -9.46
CA SER D 36 -13.75 5.02 -10.23
C SER D 36 -14.30 6.25 -10.95
N ILE D 37 -13.41 7.19 -11.21
CA ILE D 37 -13.72 8.55 -11.69
C ILE D 37 -13.13 8.81 -13.09
N GLN D 38 -13.89 9.48 -13.98
CA GLN D 38 -13.44 9.88 -15.32
C GLN D 38 -12.64 11.16 -15.10
N SER D 39 -11.32 11.02 -15.03
CA SER D 39 -10.44 12.14 -14.67
C SER D 39 -10.30 13.23 -15.75
N ASP D 40 -10.69 12.94 -17.01
CA ASP D 40 -10.63 13.88 -18.14
C ASP D 40 -11.97 14.60 -18.42
N HIS D 41 -12.97 14.51 -17.50
CA HIS D 41 -14.23 15.24 -17.63
C HIS D 41 -13.90 16.72 -17.43
N ARG D 42 -14.41 17.60 -18.29
CA ARG D 42 -14.06 19.03 -18.25
C ARG D 42 -14.44 19.75 -16.90
N GLU D 43 -15.30 19.14 -16.09
CA GLU D 43 -15.65 19.68 -14.77
C GLU D 43 -14.53 19.55 -13.76
N ILE D 44 -13.76 18.46 -13.82
CA ILE D 44 -12.76 18.13 -12.82
C ILE D 44 -11.34 17.95 -13.39
N GLU D 45 -11.18 18.06 -14.74
CA GLU D 45 -9.91 17.92 -15.47
C GLU D 45 -8.80 18.74 -14.83
N GLY D 46 -7.68 18.08 -14.56
CA GLY D 46 -6.52 18.70 -13.93
C GLY D 46 -6.63 18.86 -12.43
N ARG D 47 -7.79 18.52 -11.85
CA ARG D 47 -7.96 18.68 -10.41
C ARG D 47 -8.33 17.38 -9.67
N VAL D 48 -8.41 16.26 -10.41
CA VAL D 48 -8.66 14.93 -9.85
C VAL D 48 -7.44 14.03 -10.10
N MET D 49 -7.01 13.29 -9.07
CA MET D 49 -5.92 12.35 -9.12
C MET D 49 -6.45 10.94 -8.82
N VAL D 50 -6.25 10.01 -9.75
CA VAL D 50 -6.67 8.62 -9.57
C VAL D 50 -5.50 7.86 -8.93
N THR D 51 -5.67 7.42 -7.67
CA THR D 51 -4.65 6.68 -6.92
C THR D 51 -4.64 5.22 -7.39
N ASP D 52 -3.64 4.43 -6.97
CA ASP D 52 -3.57 3.00 -7.31
C ASP D 52 -4.53 2.13 -6.47
N PHE D 53 -5.17 2.72 -5.43
CA PHE D 53 -6.04 1.94 -4.55
C PHE D 53 -7.28 1.42 -5.20
N GLU D 54 -7.46 0.09 -5.10
CA GLU D 54 -8.62 -0.62 -5.58
C GLU D 54 -8.82 -1.87 -4.76
N ASN D 55 -10.02 -2.06 -4.21
CA ASN D 55 -10.40 -3.19 -3.38
C ASN D 55 -11.91 -3.31 -3.43
N VAL D 56 -12.37 -4.12 -4.38
CA VAL D 56 -13.78 -4.30 -4.68
C VAL D 56 -14.13 -5.78 -4.66
N PRO D 57 -15.36 -6.15 -4.24
CA PRO D 57 -15.74 -7.56 -4.33
C PRO D 57 -16.10 -7.90 -5.78
N GLU D 58 -16.06 -9.19 -6.15
CA GLU D 58 -16.43 -9.65 -7.49
C GLU D 58 -17.94 -9.50 -7.74
N GLU D 59 -18.32 -9.22 -9.00
CA GLU D 59 -19.71 -9.01 -9.42
C GLU D 59 -20.58 -10.28 -9.37
N ASP D 60 -21.88 -10.17 -9.75
CA ASP D 60 -22.84 -11.29 -9.68
C ASP D 60 -23.58 -11.49 -11.01
N SER D 69 -20.67 -0.28 -19.59
CA SER D 69 -20.11 1.00 -19.13
C SER D 69 -18.69 0.89 -18.58
N LYS D 70 -18.15 2.03 -18.08
CA LYS D 70 -16.83 2.15 -17.46
C LYS D 70 -16.93 2.15 -15.91
N CYS D 71 -18.19 2.04 -15.38
CA CYS D 71 -18.58 1.99 -13.95
C CYS D 71 -18.08 3.21 -13.16
N ASP D 72 -18.12 4.39 -13.76
CA ASP D 72 -17.63 5.61 -13.15
C ASP D 72 -18.68 6.71 -13.01
N SER D 73 -19.97 6.41 -13.25
CA SER D 73 -21.06 7.36 -13.18
C SER D 73 -21.26 7.97 -11.78
N HIS D 74 -21.23 7.13 -10.73
CA HIS D 74 -21.43 7.56 -9.35
C HIS D 74 -20.29 8.45 -8.86
N GLY D 75 -19.04 7.98 -9.01
CA GLY D 75 -17.84 8.70 -8.60
C GLY D 75 -17.68 10.05 -9.28
N THR D 76 -17.75 10.07 -10.63
CA THR D 76 -17.62 11.25 -11.46
C THR D 76 -18.60 12.36 -11.03
N HIS D 77 -19.91 12.01 -10.86
CA HIS D 77 -20.94 12.95 -10.43
C HIS D 77 -20.56 13.59 -9.11
N LEU D 78 -20.19 12.77 -8.12
CA LEU D 78 -19.80 13.24 -6.78
C LEU D 78 -18.53 14.10 -6.78
N ALA D 79 -17.53 13.73 -7.62
CA ALA D 79 -16.32 14.55 -7.78
C ALA D 79 -16.74 15.92 -8.33
N GLY D 80 -17.71 15.93 -9.24
CA GLY D 80 -18.31 17.12 -9.84
C GLY D 80 -19.05 17.95 -8.81
N VAL D 81 -19.83 17.33 -7.90
CA VAL D 81 -20.57 18.02 -6.81
C VAL D 81 -19.62 18.70 -5.80
N VAL D 82 -18.49 18.04 -5.49
CA VAL D 82 -17.49 18.60 -4.57
C VAL D 82 -16.74 19.75 -5.21
N SER D 83 -16.08 19.50 -6.36
CA SER D 83 -15.13 20.39 -7.01
C SER D 83 -15.38 20.84 -8.46
N GLY D 84 -16.53 20.55 -9.03
CA GLY D 84 -16.81 20.90 -10.43
C GLY D 84 -16.73 22.37 -10.75
N ARG D 85 -16.01 22.70 -11.85
CA ARG D 85 -15.77 24.04 -12.41
C ARG D 85 -17.03 24.92 -12.53
N ASP D 86 -18.11 24.38 -13.10
CA ASP D 86 -19.38 25.07 -13.35
C ASP D 86 -20.52 24.72 -12.38
N ALA D 87 -20.55 23.47 -11.82
CA ALA D 87 -21.64 23.03 -10.93
C ALA D 87 -21.23 22.55 -9.52
N GLY D 88 -19.95 22.64 -9.18
CA GLY D 88 -19.44 22.19 -7.89
C GLY D 88 -19.50 23.20 -6.77
N VAL D 89 -19.35 22.74 -5.53
CA VAL D 89 -19.37 23.57 -4.33
C VAL D 89 -18.03 24.33 -4.16
N ALA D 90 -16.92 23.59 -4.15
CA ALA D 90 -15.61 24.22 -4.08
C ALA D 90 -14.84 24.04 -5.38
N LYS D 91 -14.84 25.09 -6.20
CA LYS D 91 -14.70 24.93 -7.63
C LYS D 91 -13.24 24.92 -8.00
N GLY D 92 -12.43 25.58 -7.18
CA GLY D 92 -11.04 25.21 -7.00
C GLY D 92 -10.84 23.71 -7.03
N ALA D 93 -11.48 23.03 -6.08
CA ALA D 93 -10.76 22.22 -5.12
C ALA D 93 -10.25 20.97 -5.78
N SER D 94 -9.70 20.09 -4.98
CA SER D 94 -8.74 19.08 -5.45
C SER D 94 -8.93 17.71 -4.80
N MET D 95 -8.79 16.64 -5.58
CA MET D 95 -9.32 15.33 -5.19
C MET D 95 -8.41 14.14 -5.50
N ARG D 96 -8.59 13.06 -4.75
CA ARG D 96 -7.90 11.79 -4.93
C ARG D 96 -8.97 10.74 -4.89
N SER D 97 -8.97 9.87 -5.90
CA SER D 97 -9.92 8.80 -6.05
C SER D 97 -9.35 7.45 -5.64
N LEU D 98 -10.10 6.74 -4.78
CA LEU D 98 -9.85 5.37 -4.29
C LEU D 98 -11.09 4.56 -4.67
N ARG D 99 -10.91 3.36 -5.23
CA ARG D 99 -12.01 2.51 -5.72
C ARG D 99 -12.37 1.37 -4.74
N VAL D 100 -13.49 1.56 -4.02
CA VAL D 100 -14.00 0.57 -3.07
C VAL D 100 -15.37 0.04 -3.51
N LEU D 101 -15.91 0.52 -4.65
CA LEU D 101 -17.24 0.13 -5.13
C LEU D 101 -17.16 -0.43 -6.52
N ASN D 102 -17.68 -1.65 -6.71
CA ASN D 102 -17.64 -2.33 -8.00
C ASN D 102 -18.75 -1.83 -8.94
N CYS D 103 -18.93 -2.51 -10.11
CA CYS D 103 -19.89 -2.18 -11.19
C CYS D 103 -21.32 -2.28 -10.76
N GLN D 104 -21.59 -2.97 -9.64
CA GLN D 104 -22.92 -3.08 -9.07
C GLN D 104 -23.12 -2.11 -7.88
N GLY D 105 -22.13 -1.24 -7.64
CA GLY D 105 -22.14 -0.24 -6.57
C GLY D 105 -21.97 -0.82 -5.18
N LYS D 106 -21.42 -2.02 -5.11
CA LYS D 106 -21.18 -2.74 -3.87
C LYS D 106 -19.71 -2.79 -3.54
N GLY D 107 -19.43 -2.85 -2.24
CA GLY D 107 -18.10 -2.99 -1.69
C GLY D 107 -18.16 -3.80 -0.41
N THR D 108 -17.07 -3.83 0.35
CA THR D 108 -17.05 -4.58 1.61
C THR D 108 -16.62 -3.69 2.75
N VAL D 109 -16.87 -4.10 4.01
CA VAL D 109 -16.40 -3.33 5.16
C VAL D 109 -14.87 -3.43 5.21
N SER D 110 -14.33 -4.61 4.91
CA SER D 110 -12.88 -4.88 4.88
C SER D 110 -12.17 -4.04 3.83
N GLY D 111 -12.77 -3.95 2.62
CA GLY D 111 -12.28 -3.14 1.51
C GLY D 111 -12.18 -1.66 1.84
N THR D 112 -13.19 -1.12 2.54
CA THR D 112 -13.29 0.27 2.99
C THR D 112 -12.24 0.55 4.09
N LEU D 113 -11.98 -0.45 4.98
CA LEU D 113 -10.96 -0.36 6.04
C LEU D 113 -9.60 -0.18 5.44
N ILE D 114 -9.24 -1.05 4.48
CA ILE D 114 -7.95 -1.01 3.79
C ILE D 114 -7.74 0.36 3.07
N GLY D 115 -8.84 0.95 2.59
CA GLY D 115 -8.83 2.26 1.96
C GLY D 115 -8.54 3.36 2.95
N LEU D 116 -9.16 3.31 4.14
CA LEU D 116 -8.96 4.31 5.20
C LEU D 116 -7.53 4.19 5.76
N GLU D 117 -7.00 2.97 5.75
CA GLU D 117 -5.65 2.65 6.20
C GLU D 117 -4.64 3.22 5.22
N PHE D 118 -4.94 3.15 3.90
CA PHE D 118 -4.17 3.73 2.80
C PHE D 118 -4.11 5.25 2.97
N ILE D 119 -5.23 5.89 3.34
CA ILE D 119 -5.33 7.34 3.58
C ILE D 119 -4.47 7.70 4.77
N ARG D 120 -4.51 6.90 5.85
CA ARG D 120 -3.64 7.18 7.00
C ARG D 120 -2.18 7.16 6.61
N LYS D 121 -1.72 6.13 5.84
CA LYS D 121 -0.35 6.01 5.33
C LYS D 121 0.03 7.22 4.45
N SER D 122 -0.90 7.69 3.61
CA SER D 122 -0.68 8.86 2.74
C SER D 122 -0.57 10.16 3.54
N GLN D 123 -1.30 10.25 4.66
CA GLN D 123 -1.30 11.41 5.55
C GLN D 123 0.06 11.53 6.27
N LEU D 124 0.65 10.38 6.65
CA LEU D 124 1.96 10.32 7.31
C LEU D 124 3.11 10.75 6.40
N VAL D 125 2.98 10.51 5.09
CA VAL D 125 3.93 10.87 4.04
C VAL D 125 3.83 12.38 3.70
N GLN D 126 2.59 12.84 3.40
CA GLN D 126 2.23 14.21 3.04
C GLN D 126 2.57 15.22 4.16
N PRO D 127 2.90 16.50 3.85
CA PRO D 127 3.16 17.47 4.93
C PRO D 127 1.88 17.78 5.71
N VAL D 128 2.02 18.17 6.99
CA VAL D 128 0.91 18.55 7.86
C VAL D 128 0.01 19.57 7.12
N GLY D 129 -1.23 19.17 6.88
CA GLY D 129 -2.22 19.97 6.15
C GLY D 129 -3.64 19.51 6.35
N PRO D 130 -4.66 20.26 5.86
CA PRO D 130 -6.05 19.81 6.05
C PRO D 130 -6.42 18.66 5.11
N LEU D 131 -7.16 17.66 5.60
CA LEU D 131 -7.56 16.47 4.83
C LEU D 131 -9.06 16.19 5.00
N VAL D 132 -9.79 16.12 3.87
CA VAL D 132 -11.23 15.79 3.85
C VAL D 132 -11.41 14.41 3.23
N VAL D 133 -12.21 13.56 3.86
CA VAL D 133 -12.52 12.21 3.39
C VAL D 133 -14.04 12.10 3.18
N LEU D 134 -14.46 11.84 1.94
CA LEU D 134 -15.86 11.64 1.60
C LEU D 134 -16.13 10.14 1.45
N LEU D 135 -17.05 9.58 2.26
CA LEU D 135 -17.49 8.19 2.24
C LEU D 135 -18.97 8.19 1.81
N PRO D 136 -19.28 8.24 0.48
CA PRO D 136 -20.69 8.32 0.07
C PRO D 136 -21.30 6.94 -0.10
N LEU D 137 -21.14 6.13 0.94
CA LEU D 137 -21.56 4.75 0.98
C LEU D 137 -22.13 4.40 2.35
N ALA D 138 -22.82 3.23 2.44
CA ALA D 138 -23.37 2.74 3.71
C ALA D 138 -23.59 1.26 3.71
N GLY D 139 -23.41 0.68 4.89
CA GLY D 139 -23.69 -0.71 5.21
C GLY D 139 -24.37 -0.70 6.56
N GLY D 140 -24.47 -1.87 7.18
CA GLY D 140 -25.03 -1.98 8.52
C GLY D 140 -24.06 -1.45 9.55
N TYR D 141 -24.53 -1.19 10.79
CA TYR D 141 -23.64 -0.70 11.86
C TYR D 141 -22.45 -1.63 11.97
N SER D 142 -21.24 -1.07 11.90
CA SER D 142 -19.98 -1.83 11.97
C SER D 142 -19.07 -1.26 13.06
N ARG D 143 -18.76 -2.10 14.07
CA ARG D 143 -17.90 -1.69 15.18
C ARG D 143 -16.53 -1.27 14.67
N VAL D 144 -15.94 -2.06 13.76
CA VAL D 144 -14.61 -1.84 13.21
C VAL D 144 -14.57 -0.59 12.29
N LEU D 145 -15.57 -0.41 11.40
CA LEU D 145 -15.62 0.74 10.50
C LEU D 145 -15.78 2.06 11.28
N ASN D 146 -16.58 2.05 12.36
CA ASN D 146 -16.77 3.20 13.27
C ASN D 146 -15.50 3.51 14.05
N ALA D 147 -14.71 2.48 14.40
CA ALA D 147 -13.43 2.56 15.11
C ALA D 147 -12.36 3.15 14.22
N ALA D 148 -12.29 2.72 12.94
CA ALA D 148 -11.32 3.23 11.97
C ALA D 148 -11.58 4.71 11.69
N CYS D 149 -12.86 5.10 11.59
CA CYS D 149 -13.28 6.50 11.37
C CYS D 149 -12.91 7.35 12.57
N GLN D 150 -13.20 6.87 13.79
CA GLN D 150 -12.82 7.53 15.05
C GLN D 150 -11.33 7.81 15.14
N ARG D 151 -10.49 6.82 14.79
CA ARG D 151 -9.04 6.94 14.83
C ARG D 151 -8.53 7.98 13.82
N LEU D 152 -9.12 8.01 12.64
CA LEU D 152 -8.78 8.97 11.59
C LEU D 152 -9.15 10.41 12.01
N ALA D 153 -10.31 10.58 12.69
CA ALA D 153 -10.78 11.85 13.22
C ALA D 153 -9.81 12.33 14.29
N ARG D 154 -9.38 11.41 15.20
CA ARG D 154 -8.42 11.69 16.26
C ARG D 154 -7.10 12.19 15.69
N ALA D 155 -6.75 11.76 14.45
CA ALA D 155 -5.55 12.20 13.73
C ALA D 155 -5.75 13.54 12.98
N GLY D 156 -6.88 14.21 13.21
CA GLY D 156 -7.22 15.50 12.61
C GLY D 156 -7.92 15.53 11.25
N VAL D 157 -8.30 14.35 10.73
CA VAL D 157 -8.98 14.20 9.42
C VAL D 157 -10.48 14.54 9.53
N VAL D 158 -11.02 15.27 8.53
CA VAL D 158 -12.46 15.59 8.47
C VAL D 158 -13.16 14.52 7.63
N LEU D 159 -14.01 13.67 8.24
CA LEU D 159 -14.73 12.64 7.50
C LEU D 159 -16.20 13.02 7.33
N VAL D 160 -16.70 12.93 6.09
CA VAL D 160 -18.08 13.24 5.72
C VAL D 160 -18.69 11.99 5.06
N THR D 161 -19.84 11.52 5.57
CA THR D 161 -20.54 10.35 5.04
C THR D 161 -22.01 10.63 4.73
N ALA D 162 -22.61 9.76 3.89
CA ALA D 162 -24.02 9.78 3.55
C ALA D 162 -24.80 9.19 4.75
N ALA D 163 -25.97 9.76 5.10
CA ALA D 163 -26.79 9.23 6.19
C ALA D 163 -27.38 7.86 5.82
N GLY D 164 -27.53 7.60 4.52
CA GLY D 164 -28.12 6.37 4.02
C GLY D 164 -29.49 6.66 3.44
N ASN D 165 -29.89 5.86 2.43
CA ASN D 165 -31.13 6.00 1.67
C ASN D 165 -32.17 4.95 2.10
N PHE D 166 -32.24 4.65 3.39
CA PHE D 166 -33.10 3.58 3.85
C PHE D 166 -34.42 3.99 4.47
N ARG D 167 -34.71 5.31 4.55
CA ARG D 167 -35.89 5.88 5.24
C ARG D 167 -35.97 5.26 6.66
N ASP D 168 -34.81 5.16 7.32
CA ASP D 168 -34.64 4.49 8.60
C ASP D 168 -33.75 5.33 9.54
N ASP D 169 -33.48 4.82 10.75
CA ASP D 169 -32.63 5.49 11.73
C ASP D 169 -31.18 5.27 11.33
N ALA D 170 -30.44 6.35 11.07
CA ALA D 170 -29.02 6.33 10.67
C ALA D 170 -28.10 5.62 11.67
N CYS D 171 -28.58 5.33 12.89
CA CYS D 171 -27.91 4.61 14.00
C CYS D 171 -27.64 3.16 13.65
N LEU D 172 -28.45 2.58 12.77
CA LEU D 172 -28.31 1.19 12.35
C LEU D 172 -27.31 1.02 11.19
N TYR D 173 -26.72 2.15 10.69
CA TYR D 173 -25.86 2.17 9.53
C TYR D 173 -24.47 2.71 9.81
N SER D 174 -23.48 2.29 8.99
CA SER D 174 -22.08 2.70 9.10
C SER D 174 -21.54 3.08 7.72
N PRO D 175 -20.70 4.15 7.58
CA PRO D 175 -20.16 5.04 8.64
C PRO D 175 -21.16 6.02 9.30
N ALA D 176 -22.43 6.08 8.83
CA ALA D 176 -23.47 7.00 9.32
C ALA D 176 -23.54 7.14 10.84
N SER D 177 -23.53 6.02 11.60
CA SER D 177 -23.63 5.98 13.07
C SER D 177 -22.37 6.44 13.84
N ALA D 178 -21.23 6.70 13.16
CA ALA D 178 -19.98 7.14 13.82
C ALA D 178 -20.10 8.60 14.26
N PRO D 179 -19.98 8.87 15.57
CA PRO D 179 -20.11 10.25 16.06
C PRO D 179 -19.03 11.21 15.58
N GLU D 180 -17.82 10.69 15.28
CA GLU D 180 -16.67 11.47 14.82
C GLU D 180 -16.69 11.80 13.31
N VAL D 181 -17.78 11.43 12.64
CA VAL D 181 -18.00 11.62 11.22
C VAL D 181 -19.18 12.57 11.06
N ILE D 182 -19.10 13.47 10.06
CA ILE D 182 -20.23 14.36 9.77
C ILE D 182 -21.19 13.56 8.88
N THR D 183 -22.37 13.19 9.43
CA THR D 183 -23.43 12.40 8.77
C THR D 183 -24.46 13.31 8.16
N VAL D 184 -24.60 13.23 6.82
CA VAL D 184 -25.46 14.11 6.02
C VAL D 184 -26.67 13.40 5.36
N GLY D 185 -27.84 13.94 5.66
CA GLY D 185 -29.12 13.51 5.09
C GLY D 185 -29.45 14.36 3.89
N ALA D 186 -30.50 14.02 3.15
CA ALA D 186 -30.82 14.78 1.94
C ALA D 186 -32.16 15.52 2.00
N THR D 187 -32.17 16.77 1.52
CA THR D 187 -33.35 17.63 1.35
C THR D 187 -33.42 18.10 -0.11
N ASN D 188 -34.64 18.48 -0.55
CA ASN D 188 -34.88 18.94 -1.91
C ASN D 188 -35.09 20.47 -2.00
N ALA D 189 -35.37 20.98 -3.21
CA ALA D 189 -35.61 22.39 -3.52
C ALA D 189 -36.75 23.03 -2.69
N GLN D 190 -37.67 22.20 -2.19
CA GLN D 190 -38.84 22.62 -1.40
C GLN D 190 -38.60 22.39 0.10
N ASP D 191 -37.31 22.20 0.50
CA ASP D 191 -36.82 21.96 1.87
C ASP D 191 -37.56 20.76 2.54
N GLN D 192 -37.86 19.72 1.74
CA GLN D 192 -38.52 18.49 2.18
C GLN D 192 -37.50 17.35 2.17
N PRO D 193 -37.58 16.36 3.09
CA PRO D 193 -36.66 15.20 3.02
C PRO D 193 -36.89 14.43 1.70
N VAL D 194 -35.82 13.88 1.14
CA VAL D 194 -35.88 13.24 -0.18
C VAL D 194 -36.46 11.81 -0.19
N THR D 195 -37.41 11.55 -1.11
CA THR D 195 -38.01 10.23 -1.37
C THR D 195 -37.20 9.59 -2.49
N LEU D 196 -36.73 8.35 -2.30
CA LEU D 196 -35.87 7.79 -3.33
C LEU D 196 -36.60 6.70 -4.15
N GLY D 197 -37.17 5.70 -3.53
CA GLY D 197 -38.02 4.77 -4.28
C GLY D 197 -39.25 4.66 -3.43
N THR D 198 -39.26 3.58 -2.62
CA THR D 198 -40.22 3.32 -1.56
C THR D 198 -39.51 3.74 -0.28
N LEU D 199 -38.25 4.21 -0.43
CA LEU D 199 -37.38 4.66 0.65
C LEU D 199 -37.04 6.16 0.47
N GLY D 200 -35.96 6.61 1.08
CA GLY D 200 -35.49 7.98 1.03
C GLY D 200 -34.42 8.24 2.06
N THR D 201 -34.10 9.51 2.34
CA THR D 201 -33.10 9.88 3.35
C THR D 201 -33.37 9.26 4.72
N ASN D 202 -32.29 8.87 5.40
CA ASN D 202 -32.32 8.39 6.78
C ASN D 202 -32.49 9.62 7.70
N PHE D 203 -32.84 9.38 8.95
CA PHE D 203 -33.08 10.42 9.96
C PHE D 203 -32.54 9.96 11.33
N GLY D 204 -32.92 10.67 12.39
CA GLY D 204 -32.52 10.36 13.75
C GLY D 204 -31.37 11.17 14.30
N ARG D 205 -31.02 10.88 15.56
CA ARG D 205 -29.96 11.54 16.32
C ARG D 205 -28.54 11.40 15.73
N CYS D 206 -28.30 10.40 14.84
CA CYS D 206 -27.01 10.18 14.20
C CYS D 206 -26.78 11.05 12.98
N VAL D 207 -27.84 11.68 12.46
CA VAL D 207 -27.73 12.64 11.36
C VAL D 207 -27.26 13.98 11.97
N ASP D 208 -26.18 14.53 11.43
CA ASP D 208 -25.63 15.76 11.96
C ASP D 208 -26.36 16.97 11.40
N LEU D 209 -26.63 16.96 10.11
CA LEU D 209 -27.37 17.97 9.37
C LEU D 209 -27.83 17.40 8.00
N PHE D 210 -28.54 18.22 7.20
CA PHE D 210 -29.03 17.87 5.85
C PHE D 210 -28.38 18.83 4.86
N ALA D 211 -28.37 18.45 3.59
CA ALA D 211 -27.81 19.28 2.51
C ALA D 211 -28.55 18.91 1.22
N PRO D 212 -28.55 19.77 0.17
CA PRO D 212 -29.25 19.42 -1.09
C PRO D 212 -28.89 18.03 -1.63
N GLY D 213 -29.88 17.18 -1.87
CA GLY D 213 -29.65 15.81 -2.32
C GLY D 213 -30.67 15.23 -3.29
N GLU D 214 -31.44 16.12 -3.95
CA GLU D 214 -32.44 15.78 -4.97
C GLU D 214 -32.27 16.74 -6.14
N ASP D 215 -32.34 16.21 -7.37
CA ASP D 215 -32.18 16.98 -8.60
C ASP D 215 -30.86 17.76 -8.60
N ILE D 216 -29.75 17.04 -8.32
CA ILE D 216 -28.40 17.59 -8.26
C ILE D 216 -27.71 17.41 -9.60
N ILE D 217 -27.50 18.52 -10.31
CA ILE D 217 -26.82 18.54 -11.62
C ILE D 217 -25.33 18.43 -11.36
N GLY D 218 -24.69 17.57 -12.11
CA GLY D 218 -23.25 17.36 -11.97
C GLY D 218 -22.74 16.55 -13.12
N ALA D 219 -21.41 16.46 -13.21
CA ALA D 219 -20.67 15.75 -14.28
C ALA D 219 -21.21 14.35 -14.61
N SER D 220 -21.51 14.09 -15.90
CA SER D 220 -21.92 12.76 -16.37
C SER D 220 -20.75 12.08 -17.05
N SER D 221 -20.50 10.81 -16.73
CA SER D 221 -19.39 10.09 -17.35
C SER D 221 -19.69 9.62 -18.81
N ASP D 222 -20.87 10.01 -19.38
CA ASP D 222 -21.30 9.68 -20.76
C ASP D 222 -20.37 10.29 -21.78
N CYS D 223 -19.89 11.52 -21.51
CA CYS D 223 -18.93 12.23 -22.32
C CYS D 223 -18.33 13.32 -21.45
N SER D 224 -17.13 13.83 -21.82
CA SER D 224 -16.37 14.80 -21.03
C SER D 224 -17.03 16.16 -20.79
N THR D 225 -18.14 16.50 -21.49
CA THR D 225 -18.85 17.79 -21.30
C THR D 225 -20.31 17.62 -20.85
N CYS D 226 -20.75 16.36 -20.64
CA CYS D 226 -22.09 16.00 -20.23
C CYS D 226 -22.38 16.24 -18.76
N PHE D 227 -23.66 16.46 -18.48
CA PHE D 227 -24.18 16.67 -17.14
C PHE D 227 -25.40 15.80 -16.98
N VAL D 228 -25.66 15.38 -15.75
CA VAL D 228 -26.80 14.53 -15.43
C VAL D 228 -27.28 14.90 -14.04
N SER D 229 -28.56 14.69 -13.79
CA SER D 229 -29.14 14.96 -12.48
C SER D 229 -29.19 13.63 -11.74
N GLN D 230 -28.73 13.62 -10.49
CA GLN D 230 -28.78 12.45 -9.62
C GLN D 230 -29.30 12.87 -8.25
N SER D 231 -29.89 11.91 -7.53
CA SER D 231 -30.47 12.12 -6.21
C SER D 231 -30.07 10.99 -5.29
N GLY D 232 -29.76 11.32 -4.02
CA GLY D 232 -29.38 10.38 -2.97
C GLY D 232 -28.64 11.09 -1.86
N THR D 233 -28.40 10.39 -0.71
CA THR D 233 -27.66 11.00 0.40
C THR D 233 -26.16 11.14 0.06
N SER D 234 -25.69 10.45 -1.00
CA SER D 234 -24.33 10.51 -1.53
C SER D 234 -24.07 11.94 -2.00
N GLN D 235 -25.06 12.52 -2.73
CA GLN D 235 -25.03 13.88 -3.26
C GLN D 235 -25.09 14.90 -2.15
N ALA D 236 -25.91 14.63 -1.12
CA ALA D 236 -26.04 15.46 0.07
C ALA D 236 -24.68 15.57 0.78
N ALA D 237 -24.05 14.41 1.10
CA ALA D 237 -22.70 14.33 1.71
C ALA D 237 -21.62 15.05 0.90
N ALA D 238 -21.66 14.98 -0.46
CA ALA D 238 -20.69 15.63 -1.34
C ALA D 238 -20.73 17.15 -1.25
N HIS D 239 -21.94 17.74 -0.95
CA HIS D 239 -22.13 19.19 -0.74
C HIS D 239 -21.38 19.62 0.52
N VAL D 240 -21.53 18.84 1.61
CA VAL D 240 -20.89 19.12 2.88
C VAL D 240 -19.33 18.94 2.77
N ALA D 241 -18.83 17.94 2.01
CA ALA D 241 -17.38 17.76 1.78
C ALA D 241 -16.82 19.00 1.03
N GLY D 242 -17.60 19.57 0.10
CA GLY D 242 -17.30 20.80 -0.63
C GLY D 242 -17.30 22.01 0.30
N ILE D 243 -18.33 22.15 1.17
CA ILE D 243 -18.39 23.23 2.16
C ILE D 243 -17.16 23.15 3.09
N ALA D 244 -16.87 21.95 3.64
CA ALA D 244 -15.69 21.71 4.50
C ALA D 244 -14.35 22.06 3.83
N ALA D 245 -14.20 21.74 2.53
CA ALA D 245 -12.99 22.02 1.73
C ALA D 245 -12.78 23.53 1.55
N MET D 246 -13.88 24.31 1.38
CA MET D 246 -13.88 25.77 1.25
C MET D 246 -13.42 26.38 2.58
N MET D 247 -14.04 25.94 3.69
CA MET D 247 -13.76 26.35 5.05
C MET D 247 -12.31 26.12 5.45
N LEU D 248 -11.73 24.97 5.04
CA LEU D 248 -10.35 24.57 5.33
C LEU D 248 -9.34 25.26 4.40
N SER D 249 -9.78 25.72 3.23
CA SER D 249 -8.93 26.43 2.28
C SER D 249 -8.61 27.83 2.81
N ALA D 250 -9.51 28.39 3.61
CA ALA D 250 -9.39 29.71 4.22
C ALA D 250 -8.77 29.61 5.61
N GLU D 251 -9.19 28.61 6.42
CA GLU D 251 -8.69 28.40 7.78
C GLU D 251 -8.09 26.96 7.89
N PRO D 252 -6.87 26.71 7.36
CA PRO D 252 -6.30 25.33 7.39
C PRO D 252 -6.07 24.68 8.76
N GLU D 253 -6.04 25.50 9.83
CA GLU D 253 -5.78 25.01 11.19
C GLU D 253 -7.05 24.66 11.98
N LEU D 254 -8.23 24.62 11.32
CA LEU D 254 -9.49 24.29 11.99
C LEU D 254 -9.51 22.86 12.49
N THR D 255 -9.96 22.67 13.73
CA THR D 255 -10.12 21.33 14.32
C THR D 255 -11.37 20.75 13.67
N LEU D 256 -11.60 19.44 13.83
CA LEU D 256 -12.83 18.84 13.33
C LEU D 256 -14.00 19.41 14.17
N ALA D 257 -13.77 19.60 15.48
CA ALA D 257 -14.74 20.16 16.43
C ALA D 257 -15.05 21.61 16.08
N GLU D 258 -14.03 22.36 15.61
CA GLU D 258 -14.18 23.75 15.19
C GLU D 258 -14.93 23.87 13.89
N LEU D 259 -14.71 22.93 12.95
CA LEU D 259 -15.38 22.90 11.64
C LEU D 259 -16.83 22.48 11.81
N ARG D 260 -17.07 21.42 12.61
CA ARG D 260 -18.41 20.93 12.87
C ARG D 260 -19.25 21.99 13.55
N GLN D 261 -18.64 22.72 14.50
CA GLN D 261 -19.25 23.82 15.25
C GLN D 261 -19.72 24.90 14.27
N ARG D 262 -18.86 25.29 13.29
CA ARG D 262 -19.19 26.28 12.27
C ARG D 262 -20.30 25.79 11.33
N LEU D 263 -20.31 24.49 10.92
CA LEU D 263 -21.35 23.93 10.06
C LEU D 263 -22.72 24.05 10.70
N ILE D 264 -22.85 23.62 11.98
CA ILE D 264 -24.11 23.65 12.72
C ILE D 264 -24.55 25.09 12.89
N HIS D 265 -23.62 25.98 13.29
CA HIS D 265 -23.82 27.40 13.53
C HIS D 265 -24.37 28.17 12.33
N PHE D 266 -23.75 28.00 11.16
CA PHE D 266 -24.16 28.74 9.95
C PHE D 266 -25.27 28.09 9.14
N SER D 267 -25.71 26.89 9.51
CA SER D 267 -26.76 26.20 8.77
C SER D 267 -28.11 26.89 8.90
N ALA D 268 -28.98 26.73 7.89
CA ALA D 268 -30.36 27.22 7.88
C ALA D 268 -31.13 26.34 8.88
N LYS D 269 -31.94 26.95 9.76
CA LYS D 269 -32.62 26.19 10.82
C LYS D 269 -34.15 26.23 10.72
N ASP D 270 -34.80 25.16 11.21
CA ASP D 270 -36.26 24.99 11.26
C ASP D 270 -36.93 25.31 9.93
N VAL D 271 -36.40 24.71 8.88
CA VAL D 271 -36.79 24.95 7.52
C VAL D 271 -37.35 23.67 6.85
N ILE D 272 -37.09 22.50 7.46
CA ILE D 272 -37.53 21.17 6.99
C ILE D 272 -38.90 20.84 7.57
N ASN D 273 -39.81 20.35 6.73
CA ASN D 273 -41.13 19.88 7.14
C ASN D 273 -40.94 18.53 7.85
N GLU D 274 -40.96 18.50 9.21
CA GLU D 274 -40.71 17.26 9.96
C GLU D 274 -41.87 16.24 9.83
N ALA D 275 -42.92 16.58 9.07
CA ALA D 275 -44.08 15.69 8.80
C ALA D 275 -43.71 14.44 8.00
N TRP D 276 -42.66 14.50 7.16
CA TRP D 276 -42.20 13.36 6.37
C TRP D 276 -41.56 12.27 7.27
N PHE D 277 -41.03 12.66 8.45
CA PHE D 277 -40.38 11.73 9.34
C PHE D 277 -41.34 10.98 10.25
N PRO D 278 -41.05 9.74 10.70
CA PRO D 278 -41.91 9.10 11.71
C PRO D 278 -42.03 10.01 12.94
N GLU D 279 -43.20 10.06 13.56
CA GLU D 279 -43.52 10.90 14.70
C GLU D 279 -42.48 10.87 15.82
N ASP D 280 -42.04 9.67 16.21
CA ASP D 280 -41.08 9.47 17.29
C ASP D 280 -39.63 9.94 16.95
N GLN D 281 -39.40 10.30 15.69
CA GLN D 281 -38.10 10.71 15.17
C GLN D 281 -37.95 12.19 14.89
N ARG D 282 -39.08 12.91 14.86
CA ARG D 282 -39.13 14.35 14.60
C ARG D 282 -38.29 15.19 15.56
N VAL D 283 -38.35 14.92 16.85
CA VAL D 283 -37.61 15.63 17.89
C VAL D 283 -36.12 15.27 17.89
N LEU D 284 -35.81 14.06 17.42
CA LEU D 284 -34.45 13.53 17.38
C LEU D 284 -33.67 13.94 16.13
N THR D 285 -34.37 14.31 15.04
CA THR D 285 -33.74 14.69 13.79
C THR D 285 -33.40 16.18 13.77
N PRO D 286 -32.12 16.58 13.47
CA PRO D 286 -31.80 18.01 13.43
C PRO D 286 -32.48 18.69 12.25
N ASN D 287 -33.16 19.81 12.51
CA ASN D 287 -33.82 20.56 11.45
C ASN D 287 -32.85 21.64 10.96
N LEU D 288 -31.73 21.19 10.34
CA LEU D 288 -30.65 22.05 9.82
C LEU D 288 -30.33 21.67 8.39
N VAL D 289 -30.18 22.68 7.52
CA VAL D 289 -29.75 22.51 6.15
C VAL D 289 -28.44 23.27 6.03
N ALA D 290 -27.37 22.59 5.60
CA ALA D 290 -26.04 23.15 5.44
C ALA D 290 -26.01 24.42 4.62
N ALA D 291 -25.06 25.32 4.97
CA ALA D 291 -24.78 26.58 4.29
C ALA D 291 -23.32 26.95 4.57
N LEU D 292 -22.71 27.75 3.70
CA LEU D 292 -21.35 28.25 3.88
C LEU D 292 -21.35 29.46 4.82
N PRO D 293 -20.22 29.77 5.50
CA PRO D 293 -20.19 31.00 6.35
C PRO D 293 -20.26 32.29 5.53
N GLY E 1 16.86 -23.35 9.22
CA GLY E 1 16.82 -22.33 8.18
C GLY E 1 17.49 -22.87 6.94
N VAL E 2 18.48 -22.16 6.43
CA VAL E 2 19.24 -22.61 5.26
C VAL E 2 20.09 -23.81 5.70
N SER E 3 19.89 -24.94 5.02
CA SER E 3 20.55 -26.21 5.26
C SER E 3 22.04 -26.06 5.22
N ASP E 4 22.73 -26.75 6.16
CA ASP E 4 24.17 -26.75 6.16
C ASP E 4 24.61 -27.47 4.91
N VAL E 5 25.85 -27.23 4.52
CA VAL E 5 26.54 -27.83 3.40
C VAL E 5 26.97 -29.29 3.83
N PRO E 6 27.17 -30.26 2.91
CA PRO E 6 27.55 -31.62 3.36
C PRO E 6 28.89 -31.67 4.10
N ARG E 7 29.06 -32.67 5.00
CA ARG E 7 30.31 -32.89 5.74
C ARG E 7 31.42 -33.36 4.75
N ASP E 8 31.03 -34.09 3.69
CA ASP E 8 31.91 -34.59 2.62
C ASP E 8 31.13 -34.64 1.31
N LEU E 9 31.83 -34.47 0.19
CA LEU E 9 31.26 -34.56 -1.13
C LEU E 9 31.83 -35.83 -1.71
N GLU E 10 30.95 -36.70 -2.15
CA GLU E 10 31.36 -37.99 -2.66
C GLU E 10 31.40 -38.00 -4.18
N VAL E 11 32.58 -38.31 -4.79
CA VAL E 11 32.62 -38.47 -6.25
C VAL E 11 32.24 -39.93 -6.49
N VAL E 12 31.05 -40.15 -7.04
CA VAL E 12 30.51 -41.49 -7.28
C VAL E 12 31.02 -42.05 -8.62
N ALA E 13 30.79 -41.32 -9.71
CA ALA E 13 31.22 -41.69 -11.05
C ALA E 13 31.92 -40.52 -11.74
N ALA E 14 32.72 -40.85 -12.77
CA ALA E 14 33.47 -39.91 -13.58
C ALA E 14 33.72 -40.53 -14.97
N THR E 15 33.27 -39.84 -16.02
CA THR E 15 33.49 -40.22 -17.42
C THR E 15 34.53 -39.20 -17.94
N PRO E 16 35.03 -39.23 -19.19
CA PRO E 16 36.02 -38.21 -19.60
C PRO E 16 35.49 -36.76 -19.69
N THR E 17 34.15 -36.57 -19.71
CA THR E 17 33.50 -35.24 -19.79
C THR E 17 32.54 -34.93 -18.62
N SER E 18 32.16 -35.95 -17.83
CA SER E 18 31.21 -35.77 -16.75
C SER E 18 31.79 -36.14 -15.38
N LEU E 19 31.17 -35.59 -14.34
CA LEU E 19 31.54 -35.81 -12.94
C LEU E 19 30.22 -35.93 -12.15
N LEU E 20 30.09 -36.98 -11.34
CA LEU E 20 28.88 -37.18 -10.55
C LEU E 20 29.20 -37.09 -9.07
N ILE E 21 28.59 -36.10 -8.40
CA ILE E 21 28.81 -35.87 -6.98
C ILE E 21 27.56 -36.18 -6.19
N SER E 22 27.73 -36.76 -5.01
CA SER E 22 26.64 -37.14 -4.11
C SER E 22 26.87 -36.61 -2.70
N TRP E 23 25.80 -36.49 -1.94
CA TRP E 23 25.84 -36.06 -0.53
C TRP E 23 24.59 -36.59 0.17
N PRO E 24 24.67 -36.96 1.49
CA PRO E 24 23.46 -37.38 2.22
C PRO E 24 22.48 -36.22 2.23
N PRO E 25 21.25 -36.37 1.70
CA PRO E 25 20.30 -35.24 1.71
C PRO E 25 19.88 -34.84 3.13
N PRO E 26 19.68 -33.53 3.42
CA PRO E 26 19.23 -33.16 4.77
C PRO E 26 17.73 -33.46 4.98
N SER E 27 17.30 -33.74 6.23
CA SER E 27 15.90 -34.13 6.51
C SER E 27 14.84 -33.12 5.99
N HIS E 28 15.05 -31.82 6.29
CA HIS E 28 14.17 -30.74 5.83
C HIS E 28 15.02 -29.63 5.21
N GLY E 29 15.24 -29.75 3.90
CA GLY E 29 15.99 -28.80 3.10
C GLY E 29 15.30 -27.45 2.97
N TYR E 30 16.14 -26.42 2.86
CA TYR E 30 15.83 -25.00 2.68
C TYR E 30 17.22 -24.40 2.53
N GLY E 31 17.60 -23.66 1.49
CA GLY E 31 16.96 -23.38 0.23
C GLY E 31 17.74 -24.09 -0.88
N TYR E 32 19.00 -23.64 -1.18
CA TYR E 32 19.74 -24.21 -2.33
C TYR E 32 21.20 -24.42 -2.04
N TYR E 33 21.85 -25.25 -2.85
CA TYR E 33 23.30 -25.43 -2.86
C TYR E 33 23.79 -24.83 -4.17
N ARG E 34 24.76 -23.93 -4.11
CA ARG E 34 25.34 -23.38 -5.34
C ARG E 34 26.58 -24.21 -5.58
N ILE E 35 26.56 -24.96 -6.69
CA ILE E 35 27.69 -25.80 -7.07
C ILE E 35 28.54 -25.05 -8.07
N THR E 36 29.75 -24.68 -7.64
CA THR E 36 30.72 -23.96 -8.49
C THR E 36 31.85 -24.94 -8.87
N TYR E 37 32.30 -24.87 -10.13
CA TYR E 37 33.36 -25.74 -10.66
C TYR E 37 34.24 -25.02 -11.69
N GLY E 38 35.52 -25.36 -11.67
CA GLY E 38 36.51 -24.83 -12.60
C GLY E 38 37.79 -25.61 -12.56
N GLU E 39 38.63 -25.44 -13.58
CA GLU E 39 39.92 -26.09 -13.71
C GLU E 39 40.85 -25.60 -12.60
N THR E 40 41.39 -26.55 -11.78
CA THR E 40 42.33 -26.25 -10.68
C THR E 40 43.48 -25.41 -11.28
N GLY E 41 43.70 -24.23 -10.71
CA GLY E 41 44.71 -23.32 -11.23
C GLY E 41 44.21 -22.60 -12.47
N GLY E 42 43.20 -21.74 -12.22
CA GLY E 42 42.44 -20.85 -13.10
C GLY E 42 42.72 -20.69 -14.58
N ASN E 43 42.91 -21.79 -15.32
CA ASN E 43 43.11 -21.77 -16.77
C ASN E 43 41.83 -21.26 -17.45
N SER E 44 40.66 -21.71 -16.92
CA SER E 44 39.33 -21.38 -17.43
C SER E 44 38.49 -20.57 -16.42
N PRO E 45 37.45 -19.84 -16.88
CA PRO E 45 36.56 -19.16 -15.92
C PRO E 45 35.65 -20.17 -15.18
N VAL E 46 35.38 -19.91 -13.88
CA VAL E 46 34.53 -20.73 -13.01
C VAL E 46 33.08 -20.70 -13.47
N GLN E 47 32.43 -21.86 -13.40
CA GLN E 47 31.02 -22.06 -13.77
C GLN E 47 30.17 -22.46 -12.55
N GLU E 48 28.84 -22.38 -12.68
CA GLU E 48 27.94 -22.73 -11.57
C GLU E 48 26.51 -23.08 -11.98
N PHE E 49 25.78 -23.66 -11.02
CA PHE E 49 24.34 -23.99 -11.10
C PHE E 49 23.83 -24.19 -9.67
N THR E 50 22.55 -23.99 -9.44
CA THR E 50 21.96 -24.20 -8.12
C THR E 50 21.11 -25.47 -8.14
N VAL E 51 21.08 -26.15 -7.01
CA VAL E 51 20.40 -27.43 -6.83
C VAL E 51 19.77 -27.44 -5.44
N PRO E 52 18.50 -27.91 -5.29
CA PRO E 52 17.92 -28.07 -3.95
C PRO E 52 18.73 -29.09 -3.12
N PRO E 53 19.03 -28.83 -1.82
CA PRO E 53 19.82 -29.81 -1.04
C PRO E 53 19.26 -31.26 -1.05
N GLY E 54 17.93 -31.37 -1.05
CA GLY E 54 17.19 -32.64 -1.05
C GLY E 54 17.44 -33.59 -2.20
N LYS E 55 17.98 -33.12 -3.33
CA LYS E 55 18.31 -33.97 -4.50
C LYS E 55 19.38 -35.01 -4.19
N GLY E 56 20.23 -34.72 -3.21
CA GLY E 56 21.29 -35.61 -2.79
C GLY E 56 22.41 -35.83 -3.79
N THR E 57 22.23 -35.36 -5.03
CA THR E 57 23.21 -35.55 -6.12
C THR E 57 23.16 -34.44 -7.19
N ALA E 58 24.24 -34.33 -8.00
CA ALA E 58 24.35 -33.37 -9.12
C ALA E 58 25.38 -33.89 -10.12
N THR E 59 25.14 -33.64 -11.42
CA THR E 59 26.06 -34.03 -12.48
C THR E 59 26.68 -32.82 -13.14
N ILE E 60 28.02 -32.77 -13.10
CA ILE E 60 28.81 -31.71 -13.72
C ILE E 60 29.27 -32.24 -15.10
N SER E 61 28.63 -31.72 -16.16
CA SER E 61 28.86 -32.12 -17.55
C SER E 61 29.63 -31.08 -18.38
N GLY E 62 30.16 -31.52 -19.53
CA GLY E 62 30.89 -30.71 -20.51
C GLY E 62 32.33 -30.41 -20.18
N LEU E 63 32.98 -31.30 -19.41
CA LEU E 63 34.36 -31.13 -18.97
C LEU E 63 35.38 -31.62 -20.00
N LYS E 64 36.65 -31.22 -19.82
CA LYS E 64 37.79 -31.57 -20.66
C LYS E 64 38.44 -32.85 -20.09
N PRO E 65 38.75 -33.88 -20.90
CA PRO E 65 39.32 -35.12 -20.34
C PRO E 65 40.75 -35.01 -19.80
N GLY E 66 40.97 -35.66 -18.66
CA GLY E 66 42.25 -35.70 -17.98
C GLY E 66 42.70 -34.49 -17.19
N VAL E 67 41.85 -33.43 -17.05
CA VAL E 67 42.27 -32.21 -16.30
C VAL E 67 41.74 -32.24 -14.85
N ASP E 68 42.51 -31.66 -13.91
CA ASP E 68 42.13 -31.55 -12.51
C ASP E 68 41.12 -30.39 -12.31
N TYR E 69 39.94 -30.70 -11.71
CA TYR E 69 38.87 -29.75 -11.41
C TYR E 69 38.64 -29.56 -9.92
N THR E 70 38.25 -28.35 -9.50
CA THR E 70 37.90 -28.03 -8.12
C THR E 70 36.40 -27.75 -8.10
N ILE E 71 35.67 -28.38 -7.16
CA ILE E 71 34.23 -28.21 -6.98
C ILE E 71 33.99 -27.62 -5.60
N THR E 72 33.30 -26.47 -5.54
CA THR E 72 32.97 -25.78 -4.29
C THR E 72 31.48 -25.63 -4.18
N VAL E 73 30.93 -26.09 -3.05
CA VAL E 73 29.51 -26.01 -2.76
C VAL E 73 29.28 -24.95 -1.65
N TYR E 74 28.32 -24.03 -1.89
CA TYR E 74 27.90 -22.93 -1.00
C TYR E 74 26.40 -23.10 -0.65
N ALA E 75 26.04 -22.95 0.63
CA ALA E 75 24.65 -22.99 1.12
C ALA E 75 24.15 -21.57 0.97
N VAL E 76 23.04 -21.41 0.30
CA VAL E 76 22.47 -20.12 -0.09
C VAL E 76 20.93 -20.09 0.14
N GLU E 77 20.36 -18.90 0.44
CA GLU E 77 18.91 -18.78 0.60
C GLU E 77 18.26 -18.41 -0.74
N TYR E 78 18.94 -17.55 -1.52
CA TYR E 78 18.48 -17.01 -2.80
C TYR E 78 19.33 -17.57 -3.98
N PRO E 79 18.74 -18.05 -5.11
CA PRO E 79 19.59 -18.65 -6.16
C PRO E 79 20.32 -17.71 -7.11
N TYR E 80 20.05 -16.40 -7.07
CA TYR E 80 20.72 -15.47 -7.98
C TYR E 80 22.20 -15.42 -7.63
N LYS E 81 23.10 -15.37 -8.64
CA LYS E 81 24.55 -15.48 -8.52
C LYS E 81 25.20 -14.47 -7.58
N HIS E 82 24.57 -13.31 -7.38
CA HIS E 82 25.10 -12.22 -6.52
C HIS E 82 24.57 -12.23 -5.10
N SER E 83 24.02 -13.36 -4.64
CA SER E 83 23.54 -13.41 -3.27
C SER E 83 24.71 -13.68 -2.34
N GLY E 84 24.50 -13.44 -1.06
CA GLY E 84 25.35 -13.92 0.01
C GLY E 84 25.14 -15.39 0.31
N TYR E 85 25.98 -15.94 1.15
CA TYR E 85 25.89 -17.36 1.47
C TYR E 85 25.95 -17.64 2.97
N TYR E 86 25.50 -18.84 3.32
CA TYR E 86 25.34 -19.24 4.70
C TYR E 86 26.39 -20.29 5.03
N HIS E 87 26.85 -20.32 6.26
CA HIS E 87 27.80 -21.34 6.72
C HIS E 87 29.13 -21.25 5.97
N ARG E 88 29.81 -22.38 5.78
CA ARG E 88 31.10 -22.38 5.11
C ARG E 88 31.02 -23.14 3.80
N PRO E 89 31.90 -22.88 2.84
CA PRO E 89 31.88 -23.78 1.67
C PRO E 89 32.58 -25.12 1.89
N ILE E 90 32.27 -26.09 1.02
CA ILE E 90 32.94 -27.38 1.02
C ILE E 90 33.57 -27.58 -0.36
N SER E 91 34.86 -27.92 -0.39
CA SER E 91 35.58 -28.14 -1.65
C SER E 91 36.09 -29.55 -1.81
N ILE E 92 36.17 -30.02 -3.07
CA ILE E 92 36.74 -31.31 -3.49
C ILE E 92 37.52 -31.13 -4.79
N ASN E 93 38.59 -31.92 -4.94
CA ASN E 93 39.45 -31.96 -6.12
C ASN E 93 39.19 -33.30 -6.83
N TYR E 94 38.99 -33.26 -8.16
CA TYR E 94 38.84 -34.48 -8.94
C TYR E 94 39.39 -34.35 -10.34
N ARG E 95 40.26 -35.31 -10.71
CA ARG E 95 40.88 -35.44 -12.03
C ARG E 95 39.94 -36.25 -12.89
N THR E 96 39.56 -35.74 -14.05
CA THR E 96 38.66 -36.49 -14.92
C THR E 96 39.48 -37.51 -15.74
N GLU E 97 38.82 -38.59 -16.23
CA GLU E 97 39.53 -39.63 -16.98
C GLU E 97 39.80 -39.21 -18.43
N ILE E 98 40.78 -39.89 -19.08
CA ILE E 98 41.21 -39.62 -20.45
C ILE E 98 40.36 -40.37 -21.49
N ASP E 99 40.40 -39.91 -22.76
CA ASP E 99 39.66 -40.52 -23.88
C ASP E 99 40.46 -41.66 -24.56
N GLY F 1 -25.47 6.05 -21.07
CA GLY F 1 -25.64 6.20 -19.63
C GLY F 1 -26.92 5.56 -19.14
N VAL F 2 -27.42 6.03 -17.97
CA VAL F 2 -28.68 5.55 -17.43
C VAL F 2 -29.79 6.23 -18.26
N SER F 3 -30.61 5.39 -18.92
CA SER F 3 -31.72 5.81 -19.78
C SER F 3 -32.68 6.68 -19.02
N ASP F 4 -33.17 7.76 -19.63
CA ASP F 4 -34.15 8.59 -18.93
C ASP F 4 -35.47 7.83 -18.85
N VAL F 5 -36.30 8.24 -17.91
CA VAL F 5 -37.62 7.70 -17.69
C VAL F 5 -38.54 8.10 -18.93
N PRO F 6 -39.58 7.33 -19.34
CA PRO F 6 -40.30 7.71 -20.58
C PRO F 6 -41.34 8.82 -20.40
N ARG F 7 -41.34 9.77 -21.33
CA ARG F 7 -42.26 10.90 -21.24
C ARG F 7 -43.73 10.48 -21.55
N ASP F 8 -43.91 9.28 -22.14
CA ASP F 8 -45.17 8.68 -22.57
C ASP F 8 -45.46 7.26 -22.01
N LEU F 9 -45.31 7.08 -20.69
CA LEU F 9 -45.63 5.79 -20.07
C LEU F 9 -47.16 5.82 -19.84
N GLU F 10 -47.90 4.91 -20.52
CA GLU F 10 -49.37 4.86 -20.46
C GLU F 10 -49.93 3.56 -19.87
N VAL F 11 -51.26 3.38 -19.93
CA VAL F 11 -51.99 2.24 -19.42
C VAL F 11 -52.70 1.59 -20.61
N VAL F 12 -52.26 0.38 -20.97
CA VAL F 12 -52.79 -0.34 -22.11
C VAL F 12 -54.05 -1.13 -21.71
N ALA F 13 -53.94 -2.00 -20.69
CA ALA F 13 -55.04 -2.82 -20.19
C ALA F 13 -55.14 -2.73 -18.68
N ALA F 14 -56.32 -3.09 -18.15
CA ALA F 14 -56.65 -3.10 -16.74
C ALA F 14 -57.78 -4.11 -16.46
N THR F 15 -57.51 -5.07 -15.58
CA THR F 15 -58.48 -6.07 -15.13
C THR F 15 -58.83 -5.66 -13.68
N PRO F 16 -59.72 -6.32 -12.91
CA PRO F 16 -59.99 -5.84 -11.54
C PRO F 16 -58.81 -5.95 -10.54
N THR F 17 -57.77 -6.75 -10.87
CA THR F 17 -56.59 -6.96 -10.01
C THR F 17 -55.25 -6.61 -10.68
N SER F 18 -55.24 -6.46 -12.01
CA SER F 18 -54.02 -6.17 -12.74
C SER F 18 -54.05 -4.84 -13.50
N LEU F 19 -52.86 -4.33 -13.81
CA LEU F 19 -52.64 -3.09 -14.52
C LEU F 19 -51.47 -3.33 -15.48
N LEU F 20 -51.63 -2.97 -16.75
CA LEU F 20 -50.57 -3.16 -17.73
C LEU F 20 -50.09 -1.81 -18.25
N ILE F 21 -48.82 -1.53 -18.01
CA ILE F 21 -48.20 -0.28 -18.44
C ILE F 21 -47.20 -0.53 -19.54
N SER F 22 -47.17 0.38 -20.52
CA SER F 22 -46.26 0.29 -21.66
C SER F 22 -45.52 1.61 -21.87
N TRP F 23 -44.38 1.53 -22.56
CA TRP F 23 -43.59 2.70 -22.87
C TRP F 23 -42.75 2.37 -24.11
N PRO F 24 -42.47 3.35 -25.00
CA PRO F 24 -41.59 3.06 -26.14
C PRO F 24 -40.20 2.72 -25.60
N PRO F 25 -39.63 1.60 -26.02
CA PRO F 25 -38.33 1.21 -25.50
C PRO F 25 -37.25 2.21 -25.86
N PRO F 26 -36.38 2.50 -24.90
CA PRO F 26 -35.28 3.44 -25.09
C PRO F 26 -34.13 2.86 -25.92
N SER F 27 -33.24 3.74 -26.37
CA SER F 27 -31.90 3.34 -26.79
C SER F 27 -31.13 2.78 -25.62
N HIS F 28 -30.27 1.80 -25.87
CA HIS F 28 -30.35 0.57 -25.12
C HIS F 28 -30.13 0.91 -23.66
N GLY F 29 -29.13 1.73 -23.37
CA GLY F 29 -28.89 2.24 -22.04
C GLY F 29 -28.54 1.17 -21.02
N TYR F 30 -27.42 1.31 -20.33
CA TYR F 30 -27.32 0.66 -19.03
C TYR F 30 -28.26 1.28 -18.01
N GLY F 31 -28.80 0.46 -17.13
CA GLY F 31 -29.79 0.88 -16.17
C GLY F 31 -31.02 0.02 -16.09
N TYR F 32 -31.92 0.42 -15.19
CA TYR F 32 -33.21 -0.17 -14.84
C TYR F 32 -34.22 0.94 -14.61
N TYR F 33 -35.51 0.56 -14.61
CA TYR F 33 -36.59 1.42 -14.22
C TYR F 33 -37.15 0.83 -12.93
N ARG F 34 -37.25 1.64 -11.88
CA ARG F 34 -37.87 1.19 -10.64
C ARG F 34 -39.31 1.64 -10.72
N ILE F 35 -40.22 0.67 -10.77
CA ILE F 35 -41.65 0.95 -10.86
C ILE F 35 -42.22 0.85 -9.46
N THR F 36 -42.65 2.01 -8.93
CA THR F 36 -43.28 2.09 -7.60
C THR F 36 -44.77 2.33 -7.77
N TYR F 37 -45.60 1.64 -6.96
CA TYR F 37 -47.07 1.76 -7.01
C TYR F 37 -47.72 1.68 -5.64
N GLY F 38 -48.79 2.47 -5.48
CA GLY F 38 -49.60 2.54 -4.27
C GLY F 38 -50.99 3.12 -4.48
N GLU F 39 -51.89 2.89 -3.53
CA GLU F 39 -53.19 3.54 -3.56
C GLU F 39 -52.96 5.03 -3.43
N THR F 40 -53.65 5.81 -4.25
CA THR F 40 -53.63 7.26 -4.05
C THR F 40 -54.27 7.56 -2.71
N GLY F 41 -53.65 8.45 -1.94
CA GLY F 41 -54.08 8.67 -0.59
C GLY F 41 -54.07 7.39 0.22
N GLY F 42 -53.08 6.55 -0.02
CA GLY F 42 -52.62 5.57 0.95
C GLY F 42 -51.88 6.21 2.11
N ASN F 43 -51.86 5.52 3.25
CA ASN F 43 -52.99 4.72 3.71
C ASN F 43 -53.02 3.34 3.06
N SER F 44 -52.03 3.03 2.23
CA SER F 44 -51.39 1.72 2.23
C SER F 44 -49.90 1.83 1.94
N PRO F 45 -49.10 0.77 2.41
CA PRO F 45 -47.69 0.89 2.02
C PRO F 45 -47.45 0.80 0.53
N VAL F 46 -46.54 1.61 0.01
CA VAL F 46 -46.11 1.54 -1.38
C VAL F 46 -45.24 0.32 -1.70
N GLN F 47 -45.40 -0.19 -2.92
CA GLN F 47 -44.68 -1.39 -3.40
C GLN F 47 -43.80 -1.06 -4.61
N GLU F 48 -42.89 -1.99 -4.99
CA GLU F 48 -41.99 -1.78 -6.13
C GLU F 48 -41.40 -3.04 -6.74
N PHE F 49 -40.78 -2.86 -7.91
CA PHE F 49 -40.02 -3.88 -8.65
C PHE F 49 -39.17 -3.16 -9.71
N THR F 50 -38.07 -3.77 -10.15
CA THR F 50 -37.23 -3.17 -11.18
C THR F 50 -37.40 -3.95 -12.48
N VAL F 51 -37.26 -3.25 -13.60
CA VAL F 51 -37.45 -3.77 -14.94
C VAL F 51 -36.42 -3.11 -15.86
N PRO F 52 -35.77 -3.87 -16.77
CA PRO F 52 -34.86 -3.23 -17.77
C PRO F 52 -35.66 -2.29 -18.68
N PRO F 53 -35.16 -1.07 -19.01
CA PRO F 53 -35.95 -0.16 -19.89
C PRO F 53 -36.40 -0.78 -21.22
N GLY F 54 -35.53 -1.61 -21.82
CA GLY F 54 -35.74 -2.29 -23.09
C GLY F 54 -36.94 -3.21 -23.19
N LYS F 55 -37.48 -3.66 -22.05
CA LYS F 55 -38.67 -4.53 -22.02
C LYS F 55 -39.91 -3.88 -22.64
N GLY F 56 -40.01 -2.56 -22.58
CA GLY F 56 -41.10 -1.76 -23.12
C GLY F 56 -42.43 -1.87 -22.39
N THR F 57 -42.56 -2.86 -21.49
CA THR F 57 -43.81 -3.10 -20.73
C THR F 57 -43.58 -3.75 -19.34
N ALA F 58 -44.61 -3.68 -18.46
CA ALA F 58 -44.60 -4.26 -17.12
C ALA F 58 -46.05 -4.47 -16.65
N THR F 59 -46.28 -5.53 -15.86
CA THR F 59 -47.61 -5.83 -15.33
C THR F 59 -47.62 -5.69 -13.81
N ILE F 60 -48.50 -4.83 -13.30
CA ILE F 60 -48.69 -4.60 -11.88
C ILE F 60 -49.90 -5.46 -11.45
N SER F 61 -49.61 -6.57 -10.75
CA SER F 61 -50.60 -7.55 -10.30
C SER F 61 -50.89 -7.49 -8.79
N GLY F 62 -52.00 -8.11 -8.38
CA GLY F 62 -52.45 -8.23 -6.99
C GLY F 62 -53.15 -7.03 -6.40
N LEU F 63 -53.78 -6.21 -7.26
CA LEU F 63 -54.47 -4.98 -6.86
C LEU F 63 -55.89 -5.22 -6.37
N LYS F 64 -56.47 -4.19 -5.70
CA LYS F 64 -57.83 -4.18 -5.16
C LYS F 64 -58.77 -3.61 -6.23
N PRO F 65 -59.93 -4.25 -6.51
CA PRO F 65 -60.81 -3.73 -7.57
C PRO F 65 -61.53 -2.42 -7.25
N GLY F 66 -61.58 -1.55 -8.26
CA GLY F 66 -62.26 -0.27 -8.21
C GLY F 66 -61.60 0.88 -7.47
N VAL F 67 -60.31 0.73 -7.10
CA VAL F 67 -59.60 1.81 -6.39
C VAL F 67 -58.58 2.49 -7.33
N ASP F 68 -58.25 3.78 -7.02
CA ASP F 68 -57.31 4.62 -7.76
C ASP F 68 -55.88 4.44 -7.24
N TYR F 69 -54.95 4.10 -8.17
CA TYR F 69 -53.53 3.85 -7.92
C TYR F 69 -52.62 4.88 -8.58
N THR F 70 -51.48 5.19 -7.93
CA THR F 70 -50.44 6.09 -8.47
C THR F 70 -49.22 5.23 -8.77
N ILE F 71 -48.66 5.39 -9.97
CA ILE F 71 -47.47 4.66 -10.42
C ILE F 71 -46.37 5.68 -10.69
N THR F 72 -45.21 5.51 -10.04
CA THR F 72 -44.03 6.38 -10.20
C THR F 72 -42.86 5.56 -10.69
N VAL F 73 -42.27 5.99 -11.80
CA VAL F 73 -41.12 5.33 -12.40
C VAL F 73 -39.88 6.19 -12.17
N TYR F 74 -38.78 5.56 -11.68
CA TYR F 74 -37.46 6.16 -11.41
C TYR F 74 -36.41 5.46 -12.28
N ALA F 75 -35.52 6.25 -12.93
CA ALA F 75 -34.40 5.75 -13.72
C ALA F 75 -33.27 5.58 -12.70
N VAL F 76 -32.71 4.38 -12.65
CA VAL F 76 -31.74 3.94 -11.66
C VAL F 76 -30.56 3.16 -12.32
N GLU F 77 -29.34 3.25 -11.75
CA GLU F 77 -28.20 2.47 -12.28
C GLU F 77 -28.13 1.12 -11.58
N TYR F 78 -28.46 1.08 -10.26
CA TYR F 78 -28.38 -0.11 -9.40
C TYR F 78 -29.79 -0.57 -8.96
N PRO F 79 -30.15 -1.87 -9.02
CA PRO F 79 -31.55 -2.24 -8.69
C PRO F 79 -31.90 -2.37 -7.21
N TYR F 80 -30.93 -2.34 -6.28
CA TYR F 80 -31.26 -2.45 -4.86
C TYR F 80 -32.08 -1.23 -4.42
N LYS F 81 -33.09 -1.44 -3.58
CA LYS F 81 -34.08 -0.44 -3.16
C LYS F 81 -33.52 0.86 -2.57
N HIS F 82 -32.32 0.81 -1.97
CA HIS F 82 -31.66 1.95 -1.32
C HIS F 82 -30.68 2.70 -2.22
N SER F 83 -30.78 2.54 -3.53
CA SER F 83 -29.89 3.26 -4.42
C SER F 83 -30.44 4.66 -4.65
N GLY F 84 -29.58 5.54 -5.14
CA GLY F 84 -29.97 6.79 -5.75
C GLY F 84 -30.56 6.65 -7.14
N TYR F 85 -31.11 7.73 -7.66
CA TYR F 85 -31.75 7.70 -8.96
C TYR F 85 -31.29 8.83 -9.88
N TYR F 86 -31.53 8.66 -11.16
CA TYR F 86 -31.07 9.59 -12.19
C TYR F 86 -32.24 10.33 -12.76
N HIS F 87 -32.02 11.58 -13.15
CA HIS F 87 -33.06 12.40 -13.76
C HIS F 87 -34.21 12.64 -12.80
N ARG F 88 -35.43 12.71 -13.31
CA ARG F 88 -36.59 13.06 -12.50
C ARG F 88 -37.67 12.00 -12.60
N PRO F 89 -38.44 11.81 -11.44
CA PRO F 89 -39.45 10.75 -11.58
C PRO F 89 -40.64 11.12 -12.46
N ILE F 90 -41.31 10.11 -13.01
CA ILE F 90 -42.52 10.31 -13.81
C ILE F 90 -43.66 9.56 -13.14
N SER F 91 -44.86 10.18 -13.07
CA SER F 91 -46.05 9.59 -12.42
C SER F 91 -47.32 9.54 -13.30
N ILE F 92 -48.14 8.49 -13.08
CA ILE F 92 -49.44 8.28 -13.72
C ILE F 92 -50.47 7.80 -12.70
N ASN F 93 -51.73 8.18 -12.92
CA ASN F 93 -52.87 7.82 -12.08
C ASN F 93 -53.77 6.91 -12.87
N TYR F 94 -54.27 5.82 -12.24
CA TYR F 94 -55.20 4.86 -12.88
C TYR F 94 -56.10 4.14 -11.89
N ARG F 95 -57.40 4.00 -12.22
CA ARG F 95 -58.39 3.27 -11.40
C ARG F 95 -58.67 1.91 -12.04
N THR F 96 -58.95 0.90 -11.20
CA THR F 96 -59.24 -0.47 -11.62
C THR F 96 -60.70 -0.83 -11.32
C1 EDO G . 17.37 -11.54 -11.55
O1 EDO G . 16.30 -11.82 -10.66
C2 EDO G . 18.71 -12.01 -10.92
O2 EDO G . 19.80 -11.55 -11.70
C1 EDO H . 32.41 -10.32 -13.14
O1 EDO H . 32.66 -11.72 -13.28
C2 EDO H . 31.71 -9.79 -14.42
O2 EDO H . 31.87 -8.39 -14.55
C1 EDO I . 28.69 -15.46 20.94
O1 EDO I . 29.62 -14.77 20.13
C2 EDO I . 27.55 -16.00 20.05
O2 EDO I . 28.02 -17.04 19.21
O1 PG4 J . 41.09 11.26 3.61
C1 PG4 J . 42.34 11.01 4.27
C2 PG4 J . 43.34 10.28 3.41
O2 PG4 J . 44.11 9.34 4.19
C3 PG4 J . 44.83 8.37 3.40
C4 PG4 J . 44.18 7.02 3.37
O3 PG4 J . 44.69 6.27 2.26
C5 PG4 J . 43.72 5.70 1.38
C6 PG4 J . 42.98 6.74 0.59
O4 PG4 J . 42.47 6.23 -0.64
C7 PG4 J . 41.79 7.21 -1.42
C8 PG4 J . 42.66 7.64 -2.59
O5 PG4 J . 42.07 8.67 -3.39
O1 PG4 K . -14.77 -18.87 2.78
C1 PG4 K . -14.36 -20.05 3.45
C2 PG4 K . -13.09 -19.82 4.19
O2 PG4 K . -12.32 -21.01 4.27
C3 PG4 K . -11.39 -21.16 3.20
C4 PG4 K . -9.98 -21.19 3.69
O3 PG4 K . -9.15 -20.44 2.82
C5 PG4 K . -8.51 -21.21 1.81
C6 PG4 K . -8.28 -20.39 0.59
O4 PG4 K . -9.51 -19.95 0.00
C7 PG4 K . -9.52 -20.01 -1.43
C8 PG4 K . -9.15 -18.67 -2.02
O5 PG4 K . -10.15 -17.68 -1.80
C1 EDO L . -24.10 23.85 -15.54
O1 EDO L . -24.83 24.53 -14.52
C2 EDO L . -24.88 22.59 -16.01
O2 EDO L . -25.84 22.94 -17.00
C1 EDO M . -24.37 1.03 18.96
O1 EDO M . -23.12 1.51 19.47
C2 EDO M . -24.72 1.69 17.58
O2 EDO M . -24.64 3.13 17.61
#